data_5MY6
#
_entry.id   5MY6
#
_cell.length_a   66.520
_cell.length_b   113.520
_cell.length_c   137.430
_cell.angle_alpha   90.000
_cell.angle_beta   90.000
_cell.angle_gamma   90.000
#
_symmetry.space_group_name_H-M   'P 21 21 21'
#
loop_
_entity.id
_entity.type
_entity.pdbx_description
1 polymer 'Receptor tyrosine-protein kinase erbB-2'
2 polymer 'Nanobody 2Rs15d'
3 branched 2-acetamido-2-deoxy-beta-D-glucopyranose-(1-4)-2-acetamido-2-deoxy-beta-D-glucopyranose
4 non-polymer 2-acetamido-2-deoxy-beta-D-glucopyranose
5 non-polymer GLYCEROL
6 water water
#
loop_
_entity_poly.entity_id
_entity_poly.type
_entity_poly.pdbx_seq_one_letter_code
_entity_poly.pdbx_strand_id
1 'polypeptide(L)'
;QVCTGTDMKLRLPASPETHLDMLRHLYQGCQVVQGNLELTYLPTNASLSFLQDIQEVQGYVLIAHNQVRQVPLQRLRIVR
GTQLFEDNYALAVLDNGDPLNNTTPVTGASPGGLRELQLRSLTEILKGGVLIQRNPQLCYQDTILWKDIFHKNNQLALTL
IDTNRSRACHPCSPMCKGSRCWGESSEDCQSLTRTVCAGGCARCKGPLPTDCCHEQCAAGCTGPKHSDCLACLHFNHSGI
CELHCPALVTYNTDTFESMPNPEGRYTFGASCVTACPYNYLSTDVGSCTLVCPLHNQEVTAEDGTQRCEKCSKPCARVCY
GLGMEHLREVRAVTSANIQEFAGCKKIFGSLAFLPESFDGDPASNTAPLQPEQLQVFETLEEITGYLYISAWPDSLPDLS
VFQNLQVIRGRILHNGAYSLTLQGLGISWLGLRSLRELGSGLALIHHNTHLCFVHTVPWDQLFRNPHQALLHTANRPEDE
CVGEGLACHQLCARGHCWGPGPTQCVNCSQFLRGQECVEECRVLQGLPREYVNARHCLPCHPECQPQNGSVTCFGPEADQ
CVACAHYKDPPFCVARCPSGVKPDLSYMPIWKFPDEEGACQPCPINCTHSCVDLDDKGCPAE
;
A
2 'polypeptide(L)'
;QVQLQESGGGSVQAGGSLKLTCAASGYIFNSCGMGWYRQSPGRERELVSRISGDGDTWHKESVKGRFTISQDNVKKTLYL
QMNSLKPEDTAVYFCAVCYNLETYWGQGTQVTVSS
;
B
#
# COMPACT_ATOMS: atom_id res chain seq x y z
N GLN A 1 -12.39 1.24 -12.43
CA GLN A 1 -13.30 1.21 -11.29
C GLN A 1 -12.62 0.70 -10.03
N VAL A 2 -11.68 -0.23 -10.17
CA VAL A 2 -10.92 -0.78 -9.05
C VAL A 2 -9.55 -0.14 -9.03
N CYS A 3 -9.13 0.35 -7.86
CA CYS A 3 -7.81 0.96 -7.69
C CYS A 3 -7.17 0.43 -6.43
N THR A 4 -5.90 0.74 -6.27
CA THR A 4 -5.13 0.34 -5.10
C THR A 4 -5.02 1.50 -4.14
N GLY A 5 -5.20 1.21 -2.85
CA GLY A 5 -5.01 2.20 -1.82
C GLY A 5 -3.54 2.47 -1.59
N THR A 6 -3.26 3.10 -0.46
CA THR A 6 -1.89 3.39 -0.06
C THR A 6 -1.58 2.67 1.26
N ASP A 7 -0.34 2.83 1.72
CA ASP A 7 0.12 2.29 2.98
C ASP A 7 1.21 3.25 3.49
N MET A 8 0.78 4.48 3.82
CA MET A 8 1.68 5.52 4.32
C MET A 8 1.39 5.91 5.76
N LYS A 9 0.21 5.57 6.29
CA LYS A 9 -0.18 5.87 7.67
C LYS A 9 -0.03 7.37 7.90
N LEU A 10 0.61 7.80 8.98
CA LEU A 10 0.76 9.23 9.28
C LEU A 10 2.08 9.79 8.79
N ARG A 11 2.79 9.06 7.94
CA ARG A 11 4.13 9.49 7.53
C ARG A 11 4.05 10.67 6.59
N LEU A 12 5.02 11.56 6.73
CA LEU A 12 5.00 12.84 6.03
C LEU A 12 5.34 12.64 4.55
N PRO A 13 4.54 13.19 3.63
CA PRO A 13 4.91 13.11 2.21
C PRO A 13 6.17 13.90 1.95
N ALA A 14 7.13 13.25 1.28
CA ALA A 14 8.40 13.91 0.99
C ALA A 14 8.25 15.04 -0.01
N SER A 15 7.20 15.03 -0.84
CA SER A 15 6.99 16.03 -1.89
C SER A 15 5.59 16.60 -1.77
N PRO A 16 5.40 17.59 -0.89
CA PRO A 16 4.07 18.20 -0.75
C PRO A 16 3.58 18.84 -2.04
N GLU A 17 4.48 19.27 -2.91
CA GLU A 17 4.10 19.90 -4.17
C GLU A 17 3.39 18.95 -5.11
N THR A 18 3.62 17.63 -4.97
CA THR A 18 3.01 16.64 -5.85
C THR A 18 2.17 15.61 -5.12
N HIS A 19 2.06 15.72 -3.79
CA HIS A 19 1.31 14.73 -3.01
C HIS A 19 -0.14 14.64 -3.48
N LEU A 20 -0.80 15.78 -3.65
CA LEU A 20 -2.19 15.77 -4.07
C LEU A 20 -2.35 15.20 -5.48
N ASP A 21 -1.40 15.49 -6.36
N ASP A 21 -1.41 15.52 -6.38
CA ASP A 21 -1.47 14.93 -7.72
CA ASP A 21 -1.43 14.94 -7.71
C ASP A 21 -1.35 13.41 -7.69
C ASP A 21 -1.40 13.41 -7.65
N MET A 22 -0.64 12.85 -6.72
CA MET A 22 -0.59 11.40 -6.57
C MET A 22 -1.96 10.85 -6.22
N LEU A 23 -2.62 11.46 -5.23
CA LEU A 23 -3.95 11.00 -4.83
C LEU A 23 -4.93 11.09 -5.98
N ARG A 24 -4.87 12.17 -6.76
CA ARG A 24 -5.75 12.29 -7.92
C ARG A 24 -5.52 11.15 -8.91
N HIS A 25 -4.26 10.87 -9.24
CA HIS A 25 -3.97 9.77 -10.16
C HIS A 25 -4.47 8.45 -9.61
N LEU A 26 -4.34 8.25 -8.29
CA LEU A 26 -4.74 6.98 -7.70
C LEU A 26 -6.25 6.79 -7.75
N TYR A 27 -7.02 7.84 -7.45
CA TYR A 27 -8.42 7.67 -7.09
C TYR A 27 -9.40 8.26 -8.09
N GLN A 28 -8.96 9.05 -9.06
N GLN A 28 -8.95 9.04 -9.06
CA GLN A 28 -9.85 9.58 -10.08
CA GLN A 28 -9.85 9.59 -10.07
C GLN A 28 -10.56 8.44 -10.80
C GLN A 28 -10.56 8.46 -10.81
N GLY A 29 -11.89 8.48 -10.79
CA GLY A 29 -12.68 7.43 -11.40
C GLY A 29 -12.83 6.17 -10.59
N CYS A 30 -12.02 5.98 -9.55
CA CYS A 30 -12.03 4.74 -8.79
C CYS A 30 -13.30 4.59 -7.97
N GLN A 31 -13.87 3.39 -7.99
CA GLN A 31 -15.03 3.07 -7.17
C GLN A 31 -14.73 2.11 -6.03
N VAL A 32 -13.85 1.14 -6.26
CA VAL A 32 -13.47 0.17 -5.23
C VAL A 32 -11.99 0.33 -4.92
N VAL A 33 -11.70 0.71 -3.67
CA VAL A 33 -10.32 0.89 -3.23
C VAL A 33 -9.86 -0.41 -2.61
N GLN A 34 -9.00 -1.14 -3.31
CA GLN A 34 -8.34 -2.33 -2.76
C GLN A 34 -7.20 -1.88 -1.88
N GLY A 35 -7.41 -1.93 -0.57
CA GLY A 35 -6.44 -1.43 0.38
C GLY A 35 -7.02 -0.29 1.19
N ASN A 36 -6.14 0.63 1.58
CA ASN A 36 -6.49 1.67 2.53
C ASN A 36 -6.62 3.02 1.83
N LEU A 37 -7.71 3.72 2.13
CA LEU A 37 -7.91 5.08 1.66
C LEU A 37 -7.33 6.04 2.70
N GLU A 38 -6.17 6.60 2.40
CA GLU A 38 -5.43 7.46 3.31
C GLU A 38 -5.36 8.86 2.71
N LEU A 39 -5.98 9.83 3.39
CA LEU A 39 -6.04 11.21 2.94
C LEU A 39 -5.40 12.07 4.02
N THR A 40 -4.17 12.53 3.77
CA THR A 40 -3.35 13.12 4.82
C THR A 40 -2.58 14.33 4.29
N TYR A 41 -2.36 15.29 5.19
CA TYR A 41 -1.56 16.50 4.91
C TYR A 41 -2.08 17.26 3.70
N LEU A 42 -3.38 17.35 3.61
CA LEU A 42 -3.97 18.07 2.49
C LEU A 42 -4.26 19.51 2.89
N PRO A 43 -3.89 20.49 2.06
CA PRO A 43 -4.03 21.89 2.43
C PRO A 43 -5.47 22.36 2.27
N THR A 44 -5.71 23.60 2.72
CA THR A 44 -7.05 24.17 2.73
C THR A 44 -7.67 24.22 1.35
N ASN A 45 -6.88 24.52 0.32
CA ASN A 45 -7.40 24.71 -1.03
C ASN A 45 -7.41 23.44 -1.87
N ALA A 46 -7.21 22.28 -1.26
CA ALA A 46 -7.11 21.03 -2.01
C ALA A 46 -8.46 20.64 -2.59
N SER A 47 -8.55 20.59 -3.92
CA SER A 47 -9.73 20.06 -4.59
C SER A 47 -9.69 18.55 -4.53
N LEU A 48 -10.72 17.94 -3.93
CA LEU A 48 -10.77 16.50 -3.73
C LEU A 48 -11.91 15.85 -4.51
N SER A 49 -12.42 16.52 -5.54
CA SER A 49 -13.57 15.99 -6.28
C SER A 49 -13.29 14.64 -6.91
N PHE A 50 -12.03 14.27 -7.11
CA PHE A 50 -11.71 12.99 -7.70
C PHE A 50 -12.02 11.80 -6.79
N LEU A 51 -12.41 12.04 -5.54
CA LEU A 51 -12.81 10.98 -4.63
C LEU A 51 -14.29 10.63 -4.74
N GLN A 52 -15.06 11.38 -5.52
CA GLN A 52 -16.52 11.32 -5.47
C GLN A 52 -17.09 9.97 -5.87
N ASP A 53 -16.34 9.15 -6.61
CA ASP A 53 -16.86 7.88 -7.08
C ASP A 53 -16.51 6.71 -6.15
N ILE A 54 -15.75 6.94 -5.10
CA ILE A 54 -15.34 5.85 -4.22
C ILE A 54 -16.55 5.30 -3.49
N GLN A 55 -16.80 4.01 -3.65
CA GLN A 55 -17.97 3.34 -3.12
C GLN A 55 -17.64 2.28 -2.08
N GLU A 56 -16.49 1.64 -2.19
CA GLU A 56 -16.06 0.60 -1.27
C GLU A 56 -14.59 0.86 -0.93
N VAL A 57 -14.25 0.65 0.34
CA VAL A 57 -12.85 0.61 0.76
C VAL A 57 -12.62 -0.72 1.46
N GLN A 58 -11.62 -1.45 0.99
CA GLN A 58 -11.40 -2.81 1.48
C GLN A 58 -10.64 -2.81 2.80
N GLY A 59 -9.69 -1.89 2.97
CA GLY A 59 -8.94 -1.79 4.20
C GLY A 59 -9.57 -0.84 5.18
N TYR A 60 -8.84 0.20 5.57
CA TYR A 60 -9.36 1.22 6.47
C TYR A 60 -9.39 2.55 5.75
N VAL A 61 -10.07 3.51 6.38
CA VAL A 61 -10.10 4.90 5.94
C VAL A 61 -9.39 5.73 7.00
N LEU A 62 -8.34 6.45 6.58
CA LEU A 62 -7.60 7.35 7.46
C LEU A 62 -7.68 8.75 6.89
N ILE A 63 -8.19 9.70 7.69
CA ILE A 63 -8.30 11.10 7.33
C ILE A 63 -7.58 11.87 8.43
N ALA A 64 -6.35 12.32 8.16
CA ALA A 64 -5.51 12.86 9.23
C ALA A 64 -4.65 14.01 8.74
N HIS A 65 -4.37 14.94 9.66
CA HIS A 65 -3.42 16.03 9.46
C HIS A 65 -3.77 16.91 8.26
N ASN A 66 -5.05 17.04 7.95
CA ASN A 66 -5.50 17.88 6.85
C ASN A 66 -6.00 19.22 7.35
N GLN A 67 -5.80 20.25 6.53
CA GLN A 67 -6.44 21.54 6.74
C GLN A 67 -7.66 21.73 5.85
N VAL A 68 -7.82 20.89 4.82
CA VAL A 68 -8.99 20.97 3.97
C VAL A 68 -10.24 20.74 4.82
N ARG A 69 -11.31 21.48 4.50
CA ARG A 69 -12.49 21.45 5.35
C ARG A 69 -13.54 20.44 4.93
N GLN A 70 -13.43 19.90 3.71
CA GLN A 70 -14.37 18.88 3.27
C GLN A 70 -13.62 17.80 2.53
N VAL A 71 -13.95 16.56 2.83
CA VAL A 71 -13.45 15.39 2.13
C VAL A 71 -14.65 14.66 1.51
N PRO A 72 -14.90 14.86 0.22
CA PRO A 72 -16.16 14.37 -0.37
C PRO A 72 -16.18 12.88 -0.65
N LEU A 73 -16.66 12.09 0.31
CA LEU A 73 -16.77 10.65 0.20
C LEU A 73 -18.23 10.22 0.32
N GLN A 74 -19.14 10.98 -0.31
CA GLN A 74 -20.57 10.79 -0.13
C GLN A 74 -21.09 9.51 -0.73
N ARG A 75 -20.33 8.84 -1.60
CA ARG A 75 -20.79 7.59 -2.17
C ARG A 75 -20.19 6.38 -1.48
N LEU A 76 -19.32 6.58 -0.50
CA LEU A 76 -18.70 5.46 0.21
C LEU A 76 -19.77 4.72 1.01
N ARG A 77 -20.01 3.46 0.66
N ARG A 77 -20.00 3.46 0.67
CA ARG A 77 -21.05 2.66 1.31
CA ARG A 77 -21.04 2.67 1.32
C ARG A 77 -20.50 1.71 2.36
C ARG A 77 -20.51 1.70 2.35
N ILE A 78 -19.29 1.20 2.19
CA ILE A 78 -18.80 0.11 3.03
C ILE A 78 -17.29 0.25 3.20
N VAL A 79 -16.84 0.05 4.44
CA VAL A 79 -15.44 -0.13 4.77
C VAL A 79 -15.30 -1.55 5.32
N ARG A 80 -14.52 -2.39 4.64
CA ARG A 80 -14.48 -3.80 5.02
C ARG A 80 -13.54 -4.07 6.18
N GLY A 81 -12.50 -3.26 6.35
CA GLY A 81 -11.60 -3.43 7.48
C GLY A 81 -10.75 -4.68 7.42
N THR A 82 -10.40 -5.16 6.22
CA THR A 82 -9.51 -6.32 6.14
C THR A 82 -8.10 -5.95 6.60
N GLN A 83 -7.74 -4.68 6.56
CA GLN A 83 -6.64 -4.12 7.33
C GLN A 83 -7.22 -3.00 8.19
N LEU A 84 -6.58 -2.73 9.32
CA LEU A 84 -7.09 -1.80 10.30
C LEU A 84 -6.01 -0.79 10.66
N PHE A 85 -6.41 0.47 10.84
CA PHE A 85 -5.47 1.47 11.32
C PHE A 85 -5.11 1.16 12.77
N GLU A 86 -3.80 1.11 13.05
CA GLU A 86 -3.29 0.66 14.34
C GLU A 86 -3.83 -0.73 14.69
N ASP A 87 -4.16 -1.52 13.66
CA ASP A 87 -4.75 -2.85 13.81
C ASP A 87 -6.06 -2.85 14.59
N ASN A 88 -6.75 -1.72 14.67
CA ASN A 88 -7.97 -1.68 15.48
C ASN A 88 -9.10 -0.84 14.92
N TYR A 89 -8.85 0.09 13.98
CA TYR A 89 -9.86 1.04 13.55
C TYR A 89 -10.08 0.95 12.05
N ALA A 90 -11.33 0.75 11.65
CA ALA A 90 -11.69 0.87 10.25
C ALA A 90 -11.75 2.32 9.79
N LEU A 91 -11.99 3.25 10.70
CA LEU A 91 -12.11 4.66 10.38
C LEU A 91 -11.36 5.48 11.41
N ALA A 92 -10.37 6.26 10.96
CA ALA A 92 -9.55 7.08 11.82
C ALA A 92 -9.52 8.49 11.27
N VAL A 93 -9.96 9.45 12.09
CA VAL A 93 -10.05 10.86 11.71
C VAL A 93 -9.28 11.63 12.78
N LEU A 94 -8.07 12.06 12.45
CA LEU A 94 -7.14 12.56 13.46
C LEU A 94 -6.52 13.89 13.04
N ASP A 95 -6.50 14.85 13.97
CA ASP A 95 -5.67 16.05 13.85
C ASP A 95 -5.97 16.84 12.57
N ASN A 96 -7.24 16.93 12.22
CA ASN A 96 -7.65 17.72 11.06
C ASN A 96 -8.07 19.09 11.56
N GLY A 97 -7.09 19.98 11.65
CA GLY A 97 -7.28 21.29 12.23
C GLY A 97 -5.98 22.04 12.17
N ASP A 98 -6.08 23.30 12.42
CA ASP A 98 -4.89 24.10 12.14
C ASP A 98 -4.00 24.23 13.38
N PRO A 99 -2.69 24.41 13.17
CA PRO A 99 -1.70 24.63 14.24
C PRO A 99 -1.89 25.97 14.96
N ALA A 109 -10.16 34.18 6.55
CA ALA A 109 -10.92 34.38 7.78
C ALA A 109 -11.28 33.04 8.43
N SER A 110 -11.95 32.18 7.67
CA SER A 110 -12.42 30.92 8.22
C SER A 110 -11.25 29.98 8.46
N PRO A 111 -11.14 29.38 9.65
CA PRO A 111 -10.04 28.46 9.91
C PRO A 111 -10.16 27.19 9.08
N GLY A 112 -9.00 26.59 8.79
CA GLY A 112 -8.97 25.29 8.16
C GLY A 112 -9.41 24.21 9.13
N GLY A 113 -9.50 23.00 8.61
CA GLY A 113 -9.90 21.88 9.44
C GLY A 113 -11.22 21.28 8.97
N LEU A 114 -11.29 19.96 9.01
CA LEU A 114 -12.47 19.23 8.59
C LEU A 114 -13.70 19.69 9.38
N ARG A 115 -14.79 19.95 8.67
CA ARG A 115 -15.98 20.47 9.29
C ARG A 115 -17.09 19.45 9.43
N GLU A 116 -17.19 18.51 8.49
CA GLU A 116 -18.18 17.45 8.50
C GLU A 116 -17.56 16.22 7.86
N LEU A 117 -18.06 15.04 8.21
CA LEU A 117 -17.57 13.85 7.54
C LEU A 117 -18.28 13.62 6.21
N GLN A 118 -19.60 13.84 6.16
CA GLN A 118 -20.37 13.68 4.93
C GLN A 118 -20.25 12.26 4.38
N LEU A 119 -20.32 11.29 5.28
CA LEU A 119 -20.34 9.87 4.91
C LEU A 119 -21.78 9.36 4.80
N ARG A 120 -22.57 10.07 4.00
CA ARG A 120 -24.01 9.90 3.98
C ARG A 120 -24.47 8.58 3.39
N SER A 121 -23.58 7.84 2.72
CA SER A 121 -23.90 6.50 2.24
C SER A 121 -23.21 5.40 3.04
N LEU A 122 -22.37 5.76 4.01
CA LEU A 122 -21.62 4.77 4.77
C LEU A 122 -22.57 4.09 5.74
N THR A 123 -22.99 2.87 5.42
CA THR A 123 -23.86 2.10 6.28
C THR A 123 -23.25 0.77 6.71
N GLU A 124 -21.98 0.52 6.39
CA GLU A 124 -21.38 -0.77 6.71
C GLU A 124 -19.92 -0.61 7.07
N ILE A 125 -19.58 -0.97 8.31
CA ILE A 125 -18.20 -1.21 8.72
C ILE A 125 -18.14 -2.66 9.16
N LEU A 126 -17.50 -3.50 8.35
CA LEU A 126 -17.55 -4.94 8.60
C LEU A 126 -16.68 -5.33 9.79
N LYS A 127 -15.52 -4.71 9.92
CA LYS A 127 -14.56 -5.04 10.97
C LYS A 127 -13.82 -3.77 11.34
N GLY A 128 -13.49 -3.62 12.62
CA GLY A 128 -12.78 -2.44 13.05
C GLY A 128 -13.71 -1.42 13.70
N GLY A 129 -13.12 -0.59 14.55
CA GLY A 129 -13.83 0.46 15.23
C GLY A 129 -13.62 1.83 14.59
N VAL A 130 -13.99 2.87 15.32
CA VAL A 130 -13.94 4.24 14.85
C VAL A 130 -13.12 5.07 15.83
N LEU A 131 -12.11 5.77 15.30
CA LEU A 131 -11.27 6.64 16.11
C LEU A 131 -11.35 8.05 15.52
N ILE A 132 -11.80 8.99 16.34
CA ILE A 132 -11.97 10.37 15.91
C ILE A 132 -11.39 11.26 17.01
N GLN A 133 -10.25 11.90 16.73
CA GLN A 133 -9.57 12.67 17.77
C GLN A 133 -8.99 13.96 17.21
N ARG A 134 -9.15 15.04 17.99
CA ARG A 134 -8.49 16.32 17.77
C ARG A 134 -8.81 16.91 16.40
N ASN A 135 -10.11 17.17 16.19
CA ASN A 135 -10.61 17.83 14.99
C ASN A 135 -11.43 19.04 15.45
N PRO A 136 -10.79 20.21 15.57
CA PRO A 136 -11.43 21.33 16.29
C PRO A 136 -12.58 22.00 15.54
N GLN A 137 -12.74 21.75 14.24
CA GLN A 137 -13.84 22.33 13.48
C GLN A 137 -14.89 21.28 13.10
N LEU A 138 -14.71 20.04 13.54
CA LEU A 138 -15.56 18.94 13.10
C LEU A 138 -16.87 18.91 13.89
N CYS A 139 -17.97 18.82 13.16
CA CYS A 139 -19.29 18.63 13.75
C CYS A 139 -19.87 17.31 13.27
N TYR A 140 -20.93 16.88 13.96
CA TYR A 140 -21.82 15.78 13.61
C TYR A 140 -21.24 14.39 13.83
N GLN A 141 -20.01 14.27 14.32
CA GLN A 141 -19.57 12.94 14.75
C GLN A 141 -20.33 12.48 15.99
N ASP A 142 -20.95 13.41 16.72
CA ASP A 142 -21.81 13.10 17.85
C ASP A 142 -23.29 13.23 17.51
N THR A 143 -23.65 13.18 16.22
CA THR A 143 -25.04 13.09 15.80
C THR A 143 -25.23 11.90 14.85
N ILE A 144 -24.40 10.88 15.00
CA ILE A 144 -24.47 9.65 14.20
C ILE A 144 -24.55 8.48 15.16
N LEU A 145 -25.53 7.60 14.94
CA LEU A 145 -25.63 6.35 15.70
C LEU A 145 -24.63 5.37 15.10
N TRP A 146 -23.41 5.38 15.65
CA TRP A 146 -22.32 4.59 15.06
C TRP A 146 -22.57 3.10 15.17
N LYS A 147 -23.27 2.64 16.21
CA LYS A 147 -23.50 1.21 16.35
C LYS A 147 -24.34 0.65 15.21
N ASP A 148 -25.13 1.50 14.55
CA ASP A 148 -25.88 1.00 13.39
C ASP A 148 -24.95 0.66 12.23
N ILE A 149 -23.84 1.37 12.09
CA ILE A 149 -22.95 1.17 10.96
C ILE A 149 -22.16 -0.12 11.12
N PHE A 150 -21.71 -0.41 12.35
CA PHE A 150 -20.96 -1.63 12.61
C PHE A 150 -21.78 -2.85 12.26
N HIS A 151 -21.17 -3.78 11.54
CA HIS A 151 -21.85 -5.02 11.19
C HIS A 151 -22.21 -5.80 12.45
N LYS A 152 -23.33 -6.52 12.36
CA LYS A 152 -23.82 -7.38 13.42
C LYS A 152 -22.72 -8.23 14.02
N ASN A 153 -21.86 -8.80 13.17
CA ASN A 153 -20.84 -9.73 13.61
C ASN A 153 -19.44 -9.12 13.70
N ASN A 154 -19.34 -7.79 13.66
CA ASN A 154 -18.06 -7.12 13.85
C ASN A 154 -17.50 -7.47 15.23
N GLN A 155 -16.36 -8.14 15.24
CA GLN A 155 -15.73 -8.64 16.48
C GLN A 155 -14.77 -7.64 17.10
N LEU A 156 -14.53 -6.51 16.45
CA LEU A 156 -13.56 -5.54 16.96
C LEU A 156 -14.09 -4.16 16.59
N ALA A 157 -14.84 -3.57 17.52
CA ALA A 157 -15.48 -2.30 17.23
C ALA A 157 -15.29 -1.31 18.39
N LEU A 158 -14.24 -1.50 19.19
CA LEU A 158 -13.86 -0.50 20.17
C LEU A 158 -13.76 0.86 19.49
N THR A 159 -14.38 1.86 20.11
CA THR A 159 -14.58 3.14 19.46
C THR A 159 -14.34 4.26 20.46
N LEU A 160 -13.65 5.30 19.99
CA LEU A 160 -13.28 6.43 20.83
C LEU A 160 -13.43 7.68 19.99
N ILE A 161 -14.38 8.53 20.37
CA ILE A 161 -14.76 9.68 19.56
C ILE A 161 -14.67 10.93 20.41
N ASP A 162 -13.72 11.80 20.06
CA ASP A 162 -13.51 13.05 20.76
C ASP A 162 -14.50 14.07 20.22
N THR A 163 -15.22 14.72 21.13
CA THR A 163 -16.20 15.71 20.70
C THR A 163 -15.90 17.14 21.17
N ASN A 164 -14.69 17.49 21.49
CA ASN A 164 -14.28 18.86 21.63
C ASN A 164 -14.21 19.57 20.31
N ARG A 165 -14.77 20.77 20.15
CA ARG A 165 -14.73 21.48 18.90
C ARG A 165 -14.64 22.94 19.31
N SER A 166 -14.17 23.75 18.38
CA SER A 166 -14.01 25.17 18.60
C SER A 166 -15.04 25.99 17.82
N ARG A 167 -16.19 25.39 17.49
CA ARG A 167 -17.23 26.13 16.79
C ARG A 167 -18.58 25.54 17.12
N ALA A 168 -19.62 26.36 16.98
CA ALA A 168 -20.98 25.87 17.12
C ALA A 168 -21.36 25.03 15.91
N CYS A 169 -22.25 24.07 16.12
CA CYS A 169 -22.76 23.21 15.06
C CYS A 169 -24.20 23.59 14.76
N HIS A 170 -24.48 23.79 13.48
CA HIS A 170 -25.85 23.94 13.05
C HIS A 170 -26.61 22.63 13.28
N PRO A 171 -27.83 22.68 13.81
CA PRO A 171 -28.59 21.43 14.02
C PRO A 171 -28.78 20.65 12.73
N CYS A 172 -29.04 19.35 12.88
CA CYS A 172 -29.44 18.51 11.75
C CYS A 172 -30.65 19.12 11.07
N SER A 173 -30.81 18.81 9.79
CA SER A 173 -31.98 19.27 9.07
C SER A 173 -33.25 18.85 9.80
N PRO A 174 -34.29 19.68 9.83
CA PRO A 174 -35.55 19.26 10.44
C PRO A 174 -36.17 18.04 9.80
N MET A 175 -35.76 17.69 8.58
CA MET A 175 -36.28 16.52 7.90
C MET A 175 -35.61 15.23 8.33
N CYS A 176 -34.54 15.31 9.13
CA CYS A 176 -33.83 14.10 9.57
C CYS A 176 -34.59 13.43 10.70
N LYS A 177 -34.97 12.17 10.47
CA LYS A 177 -35.61 11.38 11.51
C LYS A 177 -34.64 11.15 12.66
N GLY A 178 -35.11 11.38 13.89
CA GLY A 178 -34.32 11.04 15.06
C GLY A 178 -33.07 11.87 15.28
N SER A 179 -32.92 13.00 14.57
CA SER A 179 -31.81 13.93 14.80
C SER A 179 -30.46 13.28 14.55
N ARG A 180 -30.37 12.45 13.51
CA ARG A 180 -29.13 11.78 13.14
C ARG A 180 -28.74 12.24 11.75
N CYS A 181 -27.51 12.75 11.62
CA CYS A 181 -27.11 13.34 10.36
C CYS A 181 -25.60 13.46 10.29
N TRP A 182 -25.07 13.46 9.07
CA TRP A 182 -23.65 13.63 8.78
C TRP A 182 -23.28 15.07 8.50
N GLY A 183 -24.25 15.96 8.50
CA GLY A 183 -24.05 17.33 8.08
C GLY A 183 -25.38 18.05 8.17
N GLU A 184 -25.36 19.33 7.82
CA GLU A 184 -26.55 20.14 8.06
C GLU A 184 -27.64 19.98 7.02
N SER A 185 -27.35 19.41 5.85
CA SER A 185 -28.33 19.44 4.78
C SER A 185 -29.32 18.29 4.90
N SER A 186 -30.46 18.45 4.20
CA SER A 186 -31.50 17.43 4.20
C SER A 186 -31.03 16.12 3.58
N GLU A 187 -29.99 16.15 2.76
CA GLU A 187 -29.43 14.95 2.16
C GLU A 187 -28.43 14.23 3.07
N ASP A 188 -28.19 14.75 4.28
CA ASP A 188 -27.17 14.20 5.15
C ASP A 188 -27.75 13.38 6.30
N CYS A 189 -29.07 13.19 6.35
CA CYS A 189 -29.67 12.36 7.37
C CYS A 189 -29.11 10.95 7.30
N GLN A 190 -28.91 10.34 8.46
CA GLN A 190 -28.38 8.99 8.50
C GLN A 190 -29.51 7.98 8.32
N SER A 191 -29.38 7.11 7.33
CA SER A 191 -30.31 6.01 7.16
C SER A 191 -29.83 4.82 7.97
N LEU A 192 -30.70 4.31 8.84
CA LEU A 192 -30.38 3.16 9.66
C LEU A 192 -30.72 1.89 8.90
N THR A 193 -29.80 0.92 8.92
CA THR A 193 -30.00 -0.33 8.19
C THR A 193 -29.78 -1.58 9.05
N ARG A 194 -29.54 -1.42 10.36
CA ARG A 194 -29.32 -2.58 11.21
C ARG A 194 -30.18 -2.56 12.47
N THR A 195 -30.15 -1.44 13.20
CA THR A 195 -30.83 -1.38 14.49
C THR A 195 -32.35 -1.35 14.37
N VAL A 196 -32.88 -1.07 13.18
CA VAL A 196 -34.32 -0.97 12.97
C VAL A 196 -34.90 -2.24 12.35
N CYS A 197 -34.09 -3.29 12.20
CA CYS A 197 -34.50 -4.46 11.44
C CYS A 197 -35.39 -5.40 12.25
N ALA A 198 -36.35 -6.01 11.56
CA ALA A 198 -37.20 -7.01 12.18
C ALA A 198 -36.52 -8.37 12.18
N GLY A 199 -36.76 -9.14 13.23
CA GLY A 199 -36.25 -10.50 13.28
C GLY A 199 -34.74 -10.61 13.39
N GLY A 200 -34.06 -9.52 13.72
CA GLY A 200 -32.62 -9.57 13.92
C GLY A 200 -31.80 -9.81 12.67
N CYS A 201 -32.40 -9.71 11.48
CA CYS A 201 -31.63 -9.80 10.25
C CYS A 201 -30.56 -8.71 10.22
N ALA A 202 -29.40 -9.04 9.66
CA ALA A 202 -28.21 -8.20 9.81
C ALA A 202 -28.38 -6.84 9.15
N ARG A 203 -29.10 -6.77 8.01
CA ARG A 203 -29.32 -5.51 7.30
C ARG A 203 -30.74 -5.46 6.76
N CYS A 204 -31.31 -4.26 6.77
CA CYS A 204 -32.65 -4.09 6.21
C CYS A 204 -32.73 -2.76 5.46
N LYS A 205 -33.83 -2.59 4.73
CA LYS A 205 -34.19 -1.33 4.10
C LYS A 205 -35.40 -0.70 4.77
N GLY A 206 -35.82 -1.23 5.92
CA GLY A 206 -36.99 -0.76 6.61
C GLY A 206 -37.33 -1.66 7.79
N PRO A 207 -38.46 -1.40 8.44
CA PRO A 207 -38.75 -2.08 9.71
C PRO A 207 -39.42 -3.44 9.58
N LEU A 208 -39.99 -3.75 8.43
CA LEU A 208 -40.77 -4.99 8.38
C LEU A 208 -39.91 -6.17 7.94
N PRO A 209 -40.34 -7.40 8.25
CA PRO A 209 -39.59 -8.57 7.78
C PRO A 209 -39.39 -8.58 6.28
N THR A 210 -40.33 -8.01 5.53
CA THR A 210 -40.18 -7.88 4.08
C THR A 210 -39.01 -6.99 3.70
N ASP A 211 -38.54 -6.15 4.61
CA ASP A 211 -37.43 -5.23 4.32
C ASP A 211 -36.07 -5.83 4.65
N CYS A 212 -36.02 -7.04 5.22
CA CYS A 212 -34.76 -7.68 5.52
C CYS A 212 -33.99 -7.97 4.23
N CYS A 213 -32.69 -7.72 4.26
CA CYS A 213 -31.83 -7.98 3.11
C CYS A 213 -31.45 -9.45 3.03
N HIS A 214 -31.13 -9.91 1.83
CA HIS A 214 -30.51 -11.22 1.68
C HIS A 214 -29.25 -11.26 2.52
N GLU A 215 -29.01 -12.41 3.18
CA GLU A 215 -27.89 -12.46 4.12
C GLU A 215 -26.53 -12.37 3.44
N GLN A 216 -26.46 -12.53 2.12
CA GLN A 216 -25.21 -12.29 1.41
C GLN A 216 -25.00 -10.80 1.10
N CYS A 217 -25.97 -9.94 1.41
CA CYS A 217 -25.77 -8.52 1.27
C CYS A 217 -24.94 -7.97 2.42
N ALA A 218 -24.32 -6.83 2.16
CA ALA A 218 -23.79 -5.95 3.20
C ALA A 218 -24.31 -4.56 2.93
N ALA A 219 -24.24 -3.70 3.96
CA ALA A 219 -24.57 -2.27 3.85
C ALA A 219 -26.06 -2.01 3.66
N GLY A 220 -26.79 -2.93 3.05
CA GLY A 220 -28.21 -2.73 2.88
C GLY A 220 -28.68 -3.30 1.56
N CYS A 221 -29.90 -2.92 1.18
CA CYS A 221 -30.53 -3.52 -0.01
C CYS A 221 -31.57 -2.55 -0.59
N THR A 222 -32.03 -2.88 -1.79
CA THR A 222 -33.20 -2.28 -2.39
C THR A 222 -34.33 -3.30 -2.55
N GLY A 223 -34.17 -4.49 -1.96
CA GLY A 223 -35.12 -5.57 -2.16
C GLY A 223 -34.63 -6.84 -1.51
N PRO A 224 -35.39 -7.93 -1.68
CA PRO A 224 -35.15 -9.14 -0.88
C PRO A 224 -34.03 -10.04 -1.40
N LYS A 225 -33.56 -9.87 -2.63
CA LYS A 225 -32.75 -10.89 -3.28
C LYS A 225 -31.26 -10.56 -3.23
N HIS A 226 -30.43 -11.60 -3.49
CA HIS A 226 -28.98 -11.40 -3.51
C HIS A 226 -28.52 -10.62 -4.73
N SER A 227 -29.44 -10.16 -5.57
CA SER A 227 -29.16 -9.20 -6.63
C SER A 227 -29.60 -7.79 -6.27
N ASP A 228 -30.14 -7.59 -5.06
CA ASP A 228 -30.61 -6.28 -4.60
C ASP A 228 -29.67 -5.66 -3.57
N CYS A 229 -28.49 -6.22 -3.37
CA CYS A 229 -27.59 -5.72 -2.33
C CYS A 229 -26.98 -4.38 -2.73
N LEU A 230 -26.73 -3.54 -1.72
CA LEU A 230 -25.90 -2.37 -1.93
C LEU A 230 -24.43 -2.71 -1.92
N ALA A 231 -24.05 -3.82 -1.30
CA ALA A 231 -22.70 -4.35 -1.33
C ALA A 231 -22.78 -5.83 -1.05
N CYS A 232 -21.82 -6.58 -1.55
CA CYS A 232 -21.74 -8.00 -1.26
C CYS A 232 -20.95 -8.22 0.01
N LEU A 233 -21.47 -9.10 0.87
CA LEU A 233 -20.77 -9.43 2.11
C LEU A 233 -19.47 -10.17 1.81
N HIS A 234 -19.45 -10.99 0.76
CA HIS A 234 -18.31 -11.82 0.45
C HIS A 234 -17.84 -11.56 -0.98
N PHE A 235 -18.60 -12.03 -1.97
CA PHE A 235 -18.14 -11.89 -3.36
C PHE A 235 -19.29 -11.51 -4.28
N ASN A 236 -18.98 -10.58 -5.19
CA ASN A 236 -19.89 -10.19 -6.27
C ASN A 236 -19.58 -11.07 -7.48
N HIS A 237 -20.52 -11.96 -7.80
CA HIS A 237 -20.39 -12.87 -8.93
C HIS A 237 -21.33 -12.39 -10.03
N SER A 238 -20.87 -11.39 -10.79
CA SER A 238 -21.60 -10.83 -11.93
C SER A 238 -23.01 -10.38 -11.53
N GLY A 239 -23.10 -9.59 -10.47
CA GLY A 239 -24.36 -9.05 -10.03
C GLY A 239 -25.07 -9.86 -8.96
N ILE A 240 -24.51 -10.99 -8.56
CA ILE A 240 -25.07 -11.84 -7.51
C ILE A 240 -24.06 -11.88 -6.37
N CYS A 241 -24.51 -11.54 -5.17
CA CYS A 241 -23.67 -11.66 -3.98
C CYS A 241 -23.70 -13.09 -3.48
N GLU A 242 -22.52 -13.69 -3.32
CA GLU A 242 -22.43 -15.11 -3.00
C GLU A 242 -21.31 -15.33 -1.99
N LEU A 243 -21.37 -16.49 -1.33
CA LEU A 243 -20.42 -16.80 -0.27
C LEU A 243 -19.02 -17.06 -0.80
N HIS A 244 -18.92 -17.66 -1.99
CA HIS A 244 -17.63 -17.91 -2.60
C HIS A 244 -17.79 -17.90 -4.11
N CYS A 245 -16.67 -17.74 -4.82
CA CYS A 245 -16.66 -17.76 -6.26
C CYS A 245 -16.70 -19.22 -6.77
N PRO A 246 -17.18 -19.44 -7.99
CA PRO A 246 -17.14 -20.79 -8.56
C PRO A 246 -15.71 -21.24 -8.75
N ALA A 247 -15.41 -22.46 -8.32
CA ALA A 247 -14.07 -22.99 -8.45
C ALA A 247 -13.68 -23.12 -9.91
N LEU A 248 -12.38 -22.94 -10.19
CA LEU A 248 -11.90 -23.09 -11.55
C LEU A 248 -11.90 -24.54 -12.00
N VAL A 249 -11.99 -25.48 -11.06
CA VAL A 249 -11.98 -26.90 -11.34
C VAL A 249 -13.18 -27.54 -10.68
N THR A 250 -13.84 -28.44 -11.39
CA THR A 250 -14.76 -29.40 -10.80
C THR A 250 -14.23 -30.79 -11.04
N TYR A 251 -14.76 -31.76 -10.31
CA TYR A 251 -14.25 -33.12 -10.35
C TYR A 251 -15.24 -34.05 -11.02
N ASN A 252 -14.71 -34.93 -11.87
CA ASN A 252 -15.51 -35.92 -12.55
C ASN A 252 -16.16 -36.82 -11.50
N THR A 253 -17.48 -37.04 -11.63
CA THR A 253 -18.22 -37.64 -10.53
C THR A 253 -17.95 -39.14 -10.37
N ASP A 254 -17.21 -39.78 -11.28
CA ASP A 254 -16.82 -41.17 -11.14
C ASP A 254 -15.36 -41.36 -10.76
N THR A 255 -14.46 -40.62 -11.41
CA THR A 255 -13.02 -40.73 -11.23
C THR A 255 -12.46 -39.65 -10.33
N PHE A 256 -13.15 -38.52 -10.20
CA PHE A 256 -12.69 -37.34 -9.48
C PHE A 256 -11.38 -36.79 -10.05
N GLU A 257 -11.11 -37.08 -11.32
CA GLU A 257 -10.11 -36.33 -12.06
C GLU A 257 -10.59 -34.90 -12.24
N SER A 258 -9.62 -33.97 -12.28
CA SER A 258 -9.94 -32.56 -12.37
C SER A 258 -10.47 -32.21 -13.76
N MET A 259 -11.49 -31.35 -13.79
CA MET A 259 -12.07 -30.88 -15.04
C MET A 259 -12.12 -29.36 -15.02
N PRO A 260 -11.71 -28.69 -16.10
CA PRO A 260 -11.87 -27.24 -16.16
C PRO A 260 -13.34 -26.85 -16.05
N ASN A 261 -13.60 -25.81 -15.25
CA ASN A 261 -14.96 -25.32 -15.06
C ASN A 261 -15.16 -24.10 -15.95
N PRO A 262 -16.05 -24.15 -16.94
CA PRO A 262 -16.25 -22.96 -17.80
C PRO A 262 -16.81 -21.78 -17.04
N GLU A 263 -17.53 -22.00 -15.95
CA GLU A 263 -18.06 -20.92 -15.13
C GLU A 263 -17.13 -20.55 -13.98
N GLY A 264 -15.91 -21.09 -13.97
CA GLY A 264 -14.99 -20.81 -12.88
C GLY A 264 -14.49 -19.38 -12.90
N ARG A 265 -14.19 -18.86 -11.71
CA ARG A 265 -13.79 -17.47 -11.54
C ARG A 265 -12.67 -17.37 -10.51
N TYR A 266 -11.83 -16.36 -10.69
CA TYR A 266 -10.82 -16.01 -9.71
C TYR A 266 -11.40 -15.05 -8.69
N THR A 267 -10.97 -15.21 -7.43
CA THR A 267 -11.29 -14.22 -6.40
C THR A 267 -10.36 -13.02 -6.55
N PHE A 268 -10.94 -11.83 -6.62
CA PHE A 268 -10.18 -10.60 -6.70
C PHE A 268 -10.86 -9.57 -5.82
N GLY A 269 -10.28 -9.31 -4.65
CA GLY A 269 -10.97 -8.50 -3.66
C GLY A 269 -12.28 -9.18 -3.29
N ALA A 270 -13.37 -8.43 -3.42
CA ALA A 270 -14.70 -8.94 -3.12
C ALA A 270 -15.50 -9.21 -4.39
N SER A 271 -14.86 -9.77 -5.40
CA SER A 271 -15.54 -10.03 -6.66
C SER A 271 -14.96 -11.28 -7.30
N CYS A 272 -15.76 -11.87 -8.20
CA CYS A 272 -15.36 -13.02 -8.98
C CYS A 272 -15.05 -12.56 -10.40
N VAL A 273 -13.82 -12.79 -10.85
CA VAL A 273 -13.37 -12.30 -12.14
C VAL A 273 -12.93 -13.47 -13.01
N THR A 274 -13.11 -13.30 -14.32
CA THR A 274 -12.72 -14.36 -15.25
C THR A 274 -11.21 -14.47 -15.35
N ALA A 275 -10.50 -13.36 -15.26
CA ALA A 275 -9.04 -13.35 -15.29
C ALA A 275 -8.52 -12.31 -14.32
N CYS A 276 -7.35 -12.58 -13.75
CA CYS A 276 -6.73 -11.63 -12.86
C CYS A 276 -6.26 -10.41 -13.65
N PRO A 277 -6.38 -9.20 -13.07
CA PRO A 277 -5.90 -8.01 -13.79
C PRO A 277 -4.40 -8.05 -13.96
N TYR A 278 -3.93 -7.17 -14.84
CA TYR A 278 -2.51 -7.07 -15.14
C TYR A 278 -1.69 -6.85 -13.87
N ASN A 279 -0.54 -7.51 -13.80
CA ASN A 279 0.47 -7.46 -12.73
C ASN A 279 0.06 -8.33 -11.54
N TYR A 280 -1.12 -8.92 -11.54
CA TYR A 280 -1.49 -9.86 -10.49
C TYR A 280 -1.15 -11.28 -10.91
N LEU A 281 -0.87 -12.11 -9.92
CA LEU A 281 -0.58 -13.52 -10.15
C LEU A 281 -1.85 -14.33 -9.99
N SER A 282 -2.07 -15.25 -10.93
CA SER A 282 -3.15 -16.22 -10.83
C SER A 282 -2.64 -17.45 -10.11
N THR A 283 -3.34 -17.87 -9.06
CA THR A 283 -2.96 -19.07 -8.33
C THR A 283 -3.82 -20.26 -8.75
N ASP A 284 -3.31 -21.45 -8.45
CA ASP A 284 -4.11 -22.66 -8.67
C ASP A 284 -5.27 -22.75 -7.68
N VAL A 285 -5.13 -22.11 -6.51
CA VAL A 285 -6.21 -21.99 -5.54
C VAL A 285 -7.39 -21.21 -6.11
N GLY A 286 -7.16 -20.43 -7.15
CA GLY A 286 -8.20 -19.64 -7.76
C GLY A 286 -8.26 -18.21 -7.28
N SER A 287 -7.15 -17.65 -6.82
CA SER A 287 -7.11 -16.29 -6.32
C SER A 287 -6.14 -15.46 -7.16
N CYS A 288 -6.38 -14.16 -7.15
CA CYS A 288 -5.46 -13.19 -7.70
C CYS A 288 -4.66 -12.60 -6.54
N THR A 289 -3.33 -12.72 -6.62
CA THR A 289 -2.46 -12.31 -5.53
C THR A 289 -1.27 -11.53 -6.08
N LEU A 290 -0.70 -10.68 -5.22
CA LEU A 290 0.51 -9.93 -5.54
C LEU A 290 1.75 -10.63 -5.01
N VAL A 291 1.65 -11.19 -3.81
CA VAL A 291 2.69 -12.05 -3.24
C VAL A 291 2.16 -13.48 -3.27
N CYS A 292 2.97 -14.37 -3.82
CA CYS A 292 2.61 -15.78 -3.81
C CYS A 292 2.42 -16.27 -2.38
N PRO A 293 1.42 -17.12 -2.11
CA PRO A 293 1.36 -17.79 -0.81
C PRO A 293 2.58 -18.67 -0.54
N LEU A 294 2.62 -19.28 0.64
CA LEU A 294 3.82 -20.01 1.07
C LEU A 294 4.04 -21.27 0.24
N HIS A 295 5.31 -21.62 0.08
CA HIS A 295 5.74 -22.85 -0.60
C HIS A 295 5.34 -22.87 -2.07
N ASN A 296 5.41 -21.70 -2.71
CA ASN A 296 4.99 -21.53 -4.10
C ASN A 296 6.15 -21.01 -4.96
N GLN A 297 5.95 -21.03 -6.28
CA GLN A 297 6.93 -20.56 -7.24
C GLN A 297 6.24 -19.90 -8.42
N GLU A 298 6.75 -18.74 -8.84
CA GLU A 298 6.17 -18.00 -9.94
C GLU A 298 6.62 -18.57 -11.28
N VAL A 299 5.71 -18.61 -12.24
CA VAL A 299 5.97 -19.10 -13.58
C VAL A 299 5.40 -18.12 -14.59
N THR A 300 6.22 -17.69 -15.55
CA THR A 300 5.78 -16.79 -16.60
C THR A 300 5.26 -17.61 -17.79
N ALA A 301 4.07 -17.26 -18.26
CA ALA A 301 3.50 -17.90 -19.44
C ALA A 301 4.07 -17.26 -20.71
N GLU A 302 3.68 -17.80 -21.86
CA GLU A 302 4.12 -17.25 -23.13
C GLU A 302 3.61 -15.83 -23.35
N ASP A 303 2.50 -15.45 -22.69
CA ASP A 303 1.98 -14.09 -22.83
C ASP A 303 2.92 -13.08 -22.19
N GLY A 304 3.54 -13.44 -21.08
CA GLY A 304 4.04 -12.50 -20.10
C GLY A 304 3.23 -12.48 -18.85
N THR A 305 1.98 -12.96 -18.91
CA THR A 305 1.20 -13.23 -17.72
C THR A 305 1.92 -14.25 -16.86
N GLN A 306 1.82 -14.07 -15.54
CA GLN A 306 2.50 -14.95 -14.61
C GLN A 306 1.49 -15.66 -13.73
N ARG A 307 1.76 -16.93 -13.44
CA ARG A 307 0.95 -17.72 -12.55
C ARG A 307 1.74 -18.06 -11.29
N CYS A 308 1.03 -18.13 -10.17
CA CYS A 308 1.62 -18.65 -8.95
C CYS A 308 1.30 -20.13 -8.86
N GLU A 309 2.26 -20.91 -8.34
CA GLU A 309 2.12 -22.35 -8.37
C GLU A 309 2.73 -22.97 -7.13
N LYS A 310 1.96 -23.80 -6.44
CA LYS A 310 2.47 -24.52 -5.28
C LYS A 310 3.59 -25.47 -5.69
N CYS A 311 4.56 -25.63 -4.81
CA CYS A 311 5.71 -26.49 -5.09
C CYS A 311 6.18 -27.23 -3.84
N PRO A 314 10.68 -29.30 -3.76
CA PRO A 314 11.98 -29.14 -4.45
C PRO A 314 12.13 -27.77 -5.09
N CYS A 315 11.66 -26.73 -4.40
CA CYS A 315 11.53 -25.41 -4.99
C CYS A 315 12.87 -24.67 -4.96
N ALA A 316 13.35 -24.28 -6.14
CA ALA A 316 14.67 -23.69 -6.29
C ALA A 316 14.84 -22.43 -5.46
N ARG A 317 16.10 -22.12 -5.14
CA ARG A 317 16.41 -21.02 -4.25
C ARG A 317 16.19 -19.68 -4.95
N VAL A 318 15.81 -18.68 -4.15
CA VAL A 318 15.25 -17.42 -4.61
C VAL A 318 15.92 -16.29 -3.84
N CYS A 319 16.05 -15.13 -4.48
CA CYS A 319 16.61 -13.95 -3.84
C CYS A 319 15.48 -13.08 -3.30
N TYR A 320 15.36 -13.01 -1.97
CA TYR A 320 14.37 -12.17 -1.34
C TYR A 320 14.93 -10.77 -1.09
N GLY A 321 14.09 -9.76 -1.35
CA GLY A 321 14.42 -8.39 -1.07
C GLY A 321 13.76 -7.90 0.20
N LEU A 322 13.89 -6.60 0.44
CA LEU A 322 13.30 -5.99 1.62
C LEU A 322 11.79 -6.20 1.63
N GLY A 323 11.25 -6.48 2.81
CA GLY A 323 9.83 -6.75 2.96
C GLY A 323 9.44 -8.19 2.81
N MET A 324 10.40 -9.10 2.60
CA MET A 324 10.11 -10.51 2.40
C MET A 324 10.99 -11.37 3.29
N GLU A 325 10.40 -12.43 3.83
CA GLU A 325 11.10 -13.49 4.58
C GLU A 325 11.98 -12.85 5.65
N HIS A 326 13.27 -13.20 5.73
CA HIS A 326 14.15 -12.69 6.77
C HIS A 326 14.40 -11.19 6.65
N LEU A 327 14.10 -10.58 5.51
CA LEU A 327 14.24 -9.15 5.34
C LEU A 327 12.93 -8.40 5.52
N ARG A 328 11.91 -9.06 6.07
CA ARG A 328 10.58 -8.46 6.19
C ARG A 328 10.61 -7.14 6.95
N GLU A 329 11.43 -7.05 7.99
CA GLU A 329 11.47 -5.87 8.86
C GLU A 329 12.64 -4.94 8.53
N VAL A 330 13.46 -5.28 7.54
CA VAL A 330 14.72 -4.58 7.32
C VAL A 330 14.46 -3.28 6.56
N ARG A 331 15.02 -2.18 7.05
N ARG A 331 15.04 -2.18 7.04
CA ARG A 331 14.72 -0.87 6.48
CA ARG A 331 14.76 -0.86 6.52
C ARG A 331 15.50 -0.59 5.20
C ARG A 331 15.50 -0.58 5.23
N ALA A 332 16.75 -1.03 5.13
CA ALA A 332 17.62 -0.59 4.05
C ALA A 332 18.58 -1.68 3.62
N VAL A 333 19.04 -1.56 2.39
CA VAL A 333 20.23 -2.28 1.95
C VAL A 333 21.44 -1.69 2.64
N THR A 334 22.23 -2.53 3.29
CA THR A 334 23.40 -2.08 4.05
C THR A 334 24.56 -3.00 3.70
N SER A 335 25.73 -2.68 4.26
CA SER A 335 26.87 -3.58 4.12
C SER A 335 26.64 -4.92 4.81
N ALA A 336 25.63 -5.03 5.68
CA ALA A 336 25.36 -6.29 6.37
C ALA A 336 24.57 -7.27 5.51
N ASN A 337 23.81 -6.77 4.54
CA ASN A 337 23.01 -7.64 3.68
C ASN A 337 23.29 -7.46 2.20
N ILE A 338 24.24 -6.60 1.82
CA ILE A 338 24.48 -6.30 0.41
C ILE A 338 24.88 -7.57 -0.35
N GLN A 339 25.64 -8.45 0.28
CA GLN A 339 26.14 -9.62 -0.44
C GLN A 339 25.04 -10.64 -0.71
N GLU A 340 23.88 -10.52 -0.06
CA GLU A 340 22.78 -11.44 -0.33
C GLU A 340 22.26 -11.33 -1.75
N PHE A 341 22.57 -10.24 -2.45
CA PHE A 341 22.04 -10.01 -3.79
C PHE A 341 23.04 -10.35 -4.89
N ALA A 342 24.18 -10.94 -4.55
CA ALA A 342 25.17 -11.35 -5.53
C ALA A 342 24.58 -12.34 -6.52
N GLY A 343 24.62 -12.00 -7.80
CA GLY A 343 24.18 -12.91 -8.85
C GLY A 343 22.69 -13.03 -8.99
N CYS A 344 21.90 -12.20 -8.32
CA CYS A 344 20.44 -12.28 -8.42
C CYS A 344 19.98 -11.61 -9.71
N LYS A 345 19.34 -12.39 -10.59
CA LYS A 345 18.63 -11.83 -11.73
C LYS A 345 17.29 -11.23 -11.31
N LYS A 346 16.65 -11.84 -10.32
CA LYS A 346 15.30 -11.48 -9.90
C LYS A 346 15.26 -11.39 -8.38
N ILE A 347 14.79 -10.26 -7.87
CA ILE A 347 14.69 -10.02 -6.44
C ILE A 347 13.21 -10.00 -6.08
N PHE A 348 12.80 -10.94 -5.24
CA PHE A 348 11.41 -11.01 -4.77
C PHE A 348 11.31 -10.10 -3.55
N GLY A 349 10.78 -8.90 -3.76
CA GLY A 349 10.74 -7.87 -2.74
C GLY A 349 11.29 -6.58 -3.30
N SER A 350 11.77 -5.73 -2.40
CA SER A 350 12.13 -4.36 -2.74
C SER A 350 13.59 -4.08 -2.39
N LEU A 351 14.07 -2.96 -2.91
CA LEU A 351 15.37 -2.41 -2.54
C LEU A 351 15.19 -0.96 -2.13
N ALA A 352 15.71 -0.61 -0.96
CA ALA A 352 15.67 0.75 -0.46
C ALA A 352 17.06 1.17 -0.02
N PHE A 353 17.53 2.30 -0.56
CA PHE A 353 18.82 2.87 -0.18
C PHE A 353 18.55 4.18 0.55
N LEU A 354 18.97 4.24 1.81
CA LEU A 354 18.69 5.35 2.72
C LEU A 354 20.00 6.00 3.14
N PRO A 355 19.98 7.20 3.74
CA PRO A 355 21.24 7.77 4.25
C PRO A 355 22.03 6.81 5.13
N GLU A 356 21.35 5.99 5.93
CA GLU A 356 22.04 5.04 6.80
C GLU A 356 22.75 3.95 6.02
N SER A 357 22.28 3.63 4.81
CA SER A 357 22.98 2.66 3.98
C SER A 357 24.43 3.07 3.78
N PHE A 358 24.65 4.35 3.46
CA PHE A 358 25.97 4.83 3.09
C PHE A 358 26.67 5.60 4.21
N ASP A 359 25.94 6.01 5.25
CA ASP A 359 26.60 6.60 6.41
C ASP A 359 27.13 5.54 7.37
N GLY A 360 26.60 4.33 7.31
CA GLY A 360 26.80 3.35 8.36
C GLY A 360 25.96 3.70 9.58
N ASP A 361 25.98 2.80 10.56
CA ASP A 361 25.25 3.01 11.81
C ASP A 361 26.11 2.46 12.95
N PRO A 362 26.80 3.34 13.68
CA PRO A 362 27.70 2.87 14.74
C PRO A 362 27.01 2.11 15.86
N ALA A 363 25.72 2.38 16.09
CA ALA A 363 25.01 1.72 17.20
C ALA A 363 24.96 0.22 16.98
N SER A 364 24.72 -0.23 15.75
CA SER A 364 24.73 -1.63 15.41
C SER A 364 26.04 -2.08 14.81
N ASN A 365 27.07 -1.22 14.85
CA ASN A 365 28.38 -1.52 14.27
C ASN A 365 28.26 -1.95 12.80
N THR A 366 27.45 -1.22 12.05
CA THR A 366 27.25 -1.47 10.63
C THR A 366 28.11 -0.51 9.83
N ALA A 367 29.08 -1.05 9.09
CA ALA A 367 29.97 -0.22 8.32
C ALA A 367 29.22 0.48 7.19
N PRO A 368 29.69 1.65 6.75
CA PRO A 368 29.07 2.29 5.59
C PRO A 368 29.20 1.41 4.34
N LEU A 369 28.15 1.43 3.53
CA LEU A 369 28.14 0.69 2.28
C LEU A 369 29.08 1.37 1.29
N GLN A 370 30.06 0.63 0.78
CA GLN A 370 31.00 1.22 -0.16
C GLN A 370 30.41 1.27 -1.57
N PRO A 371 30.77 2.27 -2.37
CA PRO A 371 30.19 2.36 -3.73
C PRO A 371 30.43 1.11 -4.56
N GLU A 372 31.64 0.54 -4.51
CA GLU A 372 31.95 -0.64 -5.32
C GLU A 372 31.03 -1.80 -4.99
N GLN A 373 30.54 -1.88 -3.75
CA GLN A 373 29.67 -2.99 -3.37
C GLN A 373 28.33 -2.95 -4.10
N LEU A 374 27.94 -1.79 -4.63
CA LEU A 374 26.69 -1.69 -5.38
C LEU A 374 26.76 -2.41 -6.72
N GLN A 375 27.95 -2.77 -7.20
N GLN A 375 27.95 -2.77 -7.22
CA GLN A 375 28.08 -3.56 -8.42
CA GLN A 375 28.02 -3.55 -8.45
C GLN A 375 27.45 -4.94 -8.29
C GLN A 375 27.46 -4.95 -8.29
N VAL A 376 27.10 -5.34 -7.07
CA VAL A 376 26.43 -6.62 -6.84
C VAL A 376 25.10 -6.72 -7.59
N PHE A 377 24.53 -5.59 -8.01
CA PHE A 377 23.25 -5.54 -8.70
C PHE A 377 23.39 -5.54 -10.22
N GLU A 378 24.61 -5.65 -10.76
CA GLU A 378 24.79 -5.57 -12.20
C GLU A 378 24.02 -6.65 -12.95
N THR A 379 23.83 -7.81 -12.32
CA THR A 379 23.07 -8.90 -12.89
C THR A 379 21.55 -8.72 -12.74
N LEU A 380 21.11 -7.70 -12.01
CA LEU A 380 19.70 -7.60 -11.66
C LEU A 380 18.86 -7.19 -12.86
N GLU A 381 17.82 -7.98 -13.15
CA GLU A 381 16.90 -7.69 -14.24
C GLU A 381 15.49 -7.34 -13.79
N GLU A 382 15.07 -7.79 -12.60
CA GLU A 382 13.68 -7.68 -12.19
C GLU A 382 13.57 -7.48 -10.69
N ILE A 383 12.77 -6.50 -10.30
CA ILE A 383 12.38 -6.27 -8.90
C ILE A 383 10.87 -6.43 -8.83
N THR A 384 10.40 -7.40 -8.03
CA THR A 384 8.96 -7.59 -7.92
C THR A 384 8.29 -6.50 -7.08
N GLY A 385 9.03 -5.88 -6.16
CA GLY A 385 8.50 -4.81 -5.34
C GLY A 385 8.78 -3.42 -5.89
N TYR A 386 9.44 -2.58 -5.10
CA TYR A 386 9.73 -1.21 -5.52
C TYR A 386 11.22 -0.95 -5.38
N LEU A 387 11.66 0.15 -6.00
CA LEU A 387 13.02 0.67 -5.86
C LEU A 387 12.92 2.06 -5.25
N TYR A 388 13.61 2.27 -4.14
CA TYR A 388 13.57 3.51 -3.37
C TYR A 388 15.00 3.93 -3.08
N ILE A 389 15.38 5.13 -3.51
CA ILE A 389 16.74 5.63 -3.34
C ILE A 389 16.65 7.06 -2.82
N SER A 390 16.95 7.24 -1.54
CA SER A 390 16.98 8.55 -0.91
C SER A 390 18.39 8.99 -0.52
N ALA A 391 19.39 8.16 -0.79
CA ALA A 391 20.79 8.53 -0.68
C ALA A 391 21.56 7.68 -1.67
N TRP A 392 22.71 8.20 -2.13
CA TRP A 392 23.49 7.54 -3.16
C TRP A 392 24.90 8.09 -3.09
N PRO A 393 25.93 7.28 -3.32
CA PRO A 393 27.31 7.78 -3.29
C PRO A 393 27.49 8.98 -4.22
N ASP A 394 28.05 10.05 -3.66
CA ASP A 394 28.27 11.26 -4.45
C ASP A 394 29.26 11.04 -5.59
N SER A 395 30.16 10.06 -5.44
CA SER A 395 31.12 9.78 -6.51
C SER A 395 30.47 9.15 -7.74
N LEU A 396 29.26 8.60 -7.59
CA LEU A 396 28.62 7.88 -8.68
C LEU A 396 27.67 8.78 -9.44
N PRO A 397 27.91 9.03 -10.73
CA PRO A 397 27.10 10.01 -11.46
C PRO A 397 25.69 9.54 -11.81
N ASP A 398 25.39 8.26 -11.68
CA ASP A 398 24.12 7.72 -12.15
C ASP A 398 23.81 6.43 -11.40
N LEU A 399 22.75 5.75 -11.83
CA LEU A 399 22.31 4.48 -11.26
C LEU A 399 22.69 3.30 -12.15
N SER A 400 23.84 3.37 -12.83
CA SER A 400 24.17 2.35 -13.82
C SER A 400 24.47 0.99 -13.19
N VAL A 401 24.61 0.91 -11.85
CA VAL A 401 24.65 -0.41 -11.24
C VAL A 401 23.33 -1.16 -11.49
N PHE A 402 22.26 -0.44 -11.81
CA PHE A 402 21.00 -1.03 -12.22
C PHE A 402 20.78 -0.94 -13.74
N GLN A 403 21.85 -0.79 -14.52
CA GLN A 403 21.66 -0.58 -15.95
C GLN A 403 21.07 -1.80 -16.66
N ASN A 404 21.07 -2.97 -16.02
CA ASN A 404 20.45 -4.16 -16.60
C ASN A 404 19.05 -4.43 -16.08
N LEU A 405 18.54 -3.57 -15.20
CA LEU A 405 17.21 -3.76 -14.63
C LEU A 405 16.14 -3.48 -15.67
N GLN A 406 15.29 -4.47 -15.94
CA GLN A 406 14.31 -4.39 -17.01
C GLN A 406 12.93 -3.97 -16.52
N VAL A 407 12.51 -4.44 -15.35
CA VAL A 407 11.15 -4.20 -14.89
C VAL A 407 11.15 -4.06 -13.38
N ILE A 408 10.41 -3.08 -12.89
CA ILE A 408 10.02 -2.99 -11.49
C ILE A 408 8.52 -3.27 -11.45
N ARG A 409 8.13 -4.41 -10.88
CA ARG A 409 6.74 -4.82 -10.91
C ARG A 409 5.86 -3.88 -10.07
N GLY A 410 6.36 -3.47 -8.91
CA GLY A 410 5.54 -2.67 -8.02
C GLY A 410 4.41 -3.45 -7.38
N ARG A 411 4.57 -4.76 -7.19
CA ARG A 411 3.58 -5.51 -6.45
C ARG A 411 3.56 -5.11 -4.98
N ILE A 412 4.68 -4.60 -4.48
CA ILE A 412 4.76 -3.85 -3.24
C ILE A 412 5.20 -2.44 -3.63
N LEU A 413 4.61 -1.43 -2.99
CA LEU A 413 4.87 -0.04 -3.33
C LEU A 413 5.30 0.74 -2.10
N HIS A 414 6.27 1.63 -2.28
CA HIS A 414 6.70 2.46 -1.16
C HIS A 414 5.57 3.39 -0.76
N ASN A 415 5.29 3.44 0.55
CA ASN A 415 4.11 4.11 1.10
C ASN A 415 2.83 3.61 0.45
N GLY A 416 2.89 2.43 -0.17
CA GLY A 416 1.77 1.92 -0.94
C GLY A 416 1.48 2.66 -2.22
N ALA A 417 2.39 3.51 -2.70
CA ALA A 417 2.07 4.34 -3.86
C ALA A 417 3.15 4.35 -4.94
N TYR A 418 4.42 4.22 -4.57
CA TYR A 418 5.53 4.54 -5.47
C TYR A 418 6.38 3.31 -5.75
N SER A 419 6.50 2.96 -7.03
CA SER A 419 7.37 1.84 -7.42
C SER A 419 8.79 2.30 -7.65
N LEU A 420 9.00 3.55 -8.03
CA LEU A 420 10.32 4.12 -8.22
C LEU A 420 10.37 5.47 -7.52
N THR A 421 11.30 5.62 -6.57
CA THR A 421 11.47 6.87 -5.86
C THR A 421 12.94 7.25 -5.86
N LEU A 422 13.24 8.46 -6.33
CA LEU A 422 14.59 9.00 -6.33
C LEU A 422 14.52 10.41 -5.76
N GLN A 423 15.14 10.62 -4.60
CA GLN A 423 15.02 11.91 -3.93
C GLN A 423 16.29 12.22 -3.15
N GLY A 424 16.68 13.49 -3.17
CA GLY A 424 17.81 13.95 -2.39
C GLY A 424 19.16 13.47 -2.86
N LEU A 425 19.28 13.07 -4.11
CA LEU A 425 20.50 12.47 -4.65
C LEU A 425 21.33 13.50 -5.40
N GLY A 426 22.61 13.18 -5.57
CA GLY A 426 23.54 14.00 -6.31
C GLY A 426 23.81 13.54 -7.72
N ILE A 427 23.07 12.53 -8.21
CA ILE A 427 23.32 11.97 -9.53
C ILE A 427 23.03 13.03 -10.60
N SER A 428 23.69 12.88 -11.74
CA SER A 428 23.50 13.80 -12.86
C SER A 428 22.64 13.22 -13.98
N TRP A 429 22.51 11.89 -14.04
CA TRP A 429 21.57 11.26 -14.95
C TRP A 429 21.14 9.93 -14.35
N LEU A 430 20.18 9.28 -15.00
CA LEU A 430 19.58 8.06 -14.46
C LEU A 430 20.39 6.82 -14.84
N GLY A 431 20.61 6.59 -16.13
CA GLY A 431 21.38 5.43 -16.54
C GLY A 431 20.66 4.11 -16.37
N LEU A 432 19.34 4.13 -16.19
CA LEU A 432 18.54 2.91 -16.12
C LEU A 432 18.15 2.47 -17.54
N ARG A 433 19.17 2.17 -18.34
CA ARG A 433 18.97 2.05 -19.78
C ARG A 433 18.21 0.79 -20.18
N SER A 434 18.00 -0.17 -19.29
CA SER A 434 17.20 -1.34 -19.61
C SER A 434 15.78 -1.25 -19.08
N LEU A 435 15.47 -0.26 -18.24
CA LEU A 435 14.16 -0.18 -17.59
C LEU A 435 13.09 0.06 -18.65
N ARG A 436 12.21 -0.93 -18.85
CA ARG A 436 11.18 -0.84 -19.85
C ARG A 436 9.77 -0.99 -19.29
N GLU A 437 9.63 -1.24 -17.99
CA GLU A 437 8.29 -1.38 -17.43
C GLU A 437 8.29 -1.04 -15.95
N LEU A 438 7.31 -0.21 -15.56
CA LEU A 438 6.87 -0.07 -14.18
C LEU A 438 5.49 -0.69 -14.13
N GLY A 439 5.40 -1.91 -13.60
CA GLY A 439 4.16 -2.66 -13.67
C GLY A 439 3.00 -1.99 -12.98
N SER A 440 3.26 -1.29 -11.87
CA SER A 440 2.24 -0.49 -11.19
C SER A 440 2.96 0.54 -10.34
N GLY A 441 2.19 1.40 -9.69
CA GLY A 441 2.73 2.45 -8.87
C GLY A 441 3.21 3.64 -9.68
N LEU A 442 3.38 4.75 -8.99
CA LEU A 442 3.88 5.97 -9.60
C LEU A 442 5.40 6.06 -9.43
N ALA A 443 6.02 6.83 -10.32
CA ALA A 443 7.42 7.21 -10.18
C ALA A 443 7.49 8.59 -9.55
N LEU A 444 8.39 8.74 -8.57
CA LEU A 444 8.56 9.99 -7.84
C LEU A 444 10.03 10.37 -7.85
N ILE A 445 10.36 11.48 -8.49
CA ILE A 445 11.75 11.91 -8.70
C ILE A 445 11.81 13.39 -8.35
N HIS A 446 12.36 13.72 -7.19
CA HIS A 446 12.33 15.11 -6.77
C HIS A 446 13.57 15.44 -5.96
N HIS A 447 13.92 16.74 -5.98
CA HIS A 447 15.00 17.30 -5.16
C HIS A 447 16.33 16.61 -5.42
N ASN A 448 16.62 16.36 -6.70
CA ASN A 448 17.92 15.88 -7.15
C ASN A 448 18.55 17.04 -7.94
N THR A 449 19.40 17.81 -7.25
CA THR A 449 19.78 19.14 -7.73
C THR A 449 20.56 19.08 -9.04
N HIS A 450 21.28 17.99 -9.31
CA HIS A 450 22.12 17.89 -10.48
C HIS A 450 21.54 16.99 -11.56
N LEU A 451 20.33 16.48 -11.37
CA LEU A 451 19.81 15.43 -12.24
C LEU A 451 19.17 16.04 -13.47
N CYS A 452 19.75 15.75 -14.64
CA CYS A 452 19.14 16.01 -15.92
C CYS A 452 18.59 14.70 -16.48
N PHE A 453 18.20 14.71 -17.75
CA PHE A 453 17.78 13.50 -18.46
C PHE A 453 16.61 12.81 -17.76
N VAL A 454 15.69 13.62 -17.24
CA VAL A 454 14.43 13.10 -16.71
C VAL A 454 13.35 13.13 -17.78
N HIS A 455 13.24 14.23 -18.50
CA HIS A 455 12.22 14.39 -19.52
C HIS A 455 12.66 13.88 -20.88
N THR A 456 13.89 13.36 -20.99
CA THR A 456 14.30 12.59 -22.15
C THR A 456 13.84 11.14 -22.08
N VAL A 457 13.26 10.72 -20.96
CA VAL A 457 12.78 9.36 -20.76
C VAL A 457 11.32 9.30 -21.17
N PRO A 458 10.89 8.31 -21.98
CA PRO A 458 9.47 8.18 -22.35
C PRO A 458 8.68 7.39 -21.28
N TRP A 459 8.37 8.09 -20.19
CA TRP A 459 7.77 7.45 -19.03
C TRP A 459 6.47 6.74 -19.38
N ASP A 460 5.71 7.29 -20.33
CA ASP A 460 4.46 6.66 -20.74
C ASP A 460 4.69 5.25 -21.28
N GLN A 461 5.83 5.01 -21.92
CA GLN A 461 6.15 3.67 -22.40
C GLN A 461 6.42 2.70 -21.27
N LEU A 462 6.79 3.19 -20.08
CA LEU A 462 7.11 2.31 -18.96
C LEU A 462 5.87 1.92 -18.18
N PHE A 463 4.84 2.77 -18.18
CA PHE A 463 3.64 2.54 -17.40
C PHE A 463 2.75 1.51 -18.09
N ARG A 464 1.84 0.92 -17.29
CA ARG A 464 0.93 -0.10 -17.81
C ARG A 464 -0.53 0.12 -17.45
N ASN A 465 -0.87 1.07 -16.59
CA ASN A 465 -2.26 1.40 -16.30
C ASN A 465 -2.37 2.90 -16.14
N PRO A 466 -3.57 3.46 -16.35
CA PRO A 466 -3.71 4.92 -16.40
C PRO A 466 -3.61 5.63 -15.06
N HIS A 467 -3.58 4.90 -13.94
CA HIS A 467 -3.35 5.53 -12.64
C HIS A 467 -1.89 5.88 -12.39
N GLN A 468 -1.01 5.63 -13.35
CA GLN A 468 0.42 5.82 -13.16
C GLN A 468 0.87 7.13 -13.79
N ALA A 469 1.90 7.72 -13.19
CA ALA A 469 2.45 8.98 -13.68
C ALA A 469 3.81 9.19 -13.03
N LEU A 470 4.63 10.01 -13.68
CA LEU A 470 5.83 10.53 -13.06
C LEU A 470 5.50 11.83 -12.34
N LEU A 471 5.83 11.90 -11.06
CA LEU A 471 5.77 13.13 -10.29
C LEU A 471 7.18 13.62 -10.08
N HIS A 472 7.42 14.91 -10.33
CA HIS A 472 8.78 15.42 -10.36
C HIS A 472 8.78 16.90 -10.04
N THR A 473 9.80 17.34 -9.31
CA THR A 473 9.97 18.74 -8.94
C THR A 473 11.38 18.91 -8.40
N ALA A 474 11.88 20.15 -8.48
CA ALA A 474 13.16 20.53 -7.87
C ALA A 474 14.31 19.61 -8.28
N ASN A 475 14.25 19.12 -9.51
CA ASN A 475 15.43 18.53 -10.14
C ASN A 475 16.17 19.66 -10.87
N ARG A 476 17.17 19.32 -11.67
CA ARG A 476 17.89 20.37 -12.40
C ARG A 476 16.98 20.89 -13.52
N PRO A 477 16.81 22.21 -13.62
CA PRO A 477 15.83 22.76 -14.59
C PRO A 477 16.17 22.37 -16.03
N GLU A 478 15.13 22.03 -16.79
CA GLU A 478 15.27 21.62 -18.18
C GLU A 478 16.09 22.59 -19.02
N ASP A 479 16.01 23.90 -18.74
CA ASP A 479 16.75 24.86 -19.54
C ASP A 479 18.20 24.98 -19.10
N GLU A 480 18.47 24.78 -17.80
CA GLU A 480 19.85 24.69 -17.35
C GLU A 480 20.54 23.46 -17.94
N CYS A 481 19.79 22.37 -18.12
CA CYS A 481 20.34 21.19 -18.80
C CYS A 481 20.56 21.47 -20.28
N VAL A 482 19.62 22.15 -20.94
CA VAL A 482 19.76 22.40 -22.37
C VAL A 482 20.89 23.39 -22.64
N GLY A 483 21.06 24.39 -21.78
CA GLY A 483 22.08 25.40 -21.99
C GLY A 483 23.49 24.91 -21.76
N GLU A 484 23.64 23.81 -21.02
CA GLU A 484 24.93 23.18 -20.82
C GLU A 484 25.24 22.13 -21.88
N GLY A 485 24.30 21.86 -22.78
CA GLY A 485 24.51 20.88 -23.83
C GLY A 485 24.33 19.44 -23.38
N LEU A 486 23.36 19.19 -22.51
CA LEU A 486 23.08 17.85 -21.98
C LEU A 486 21.79 17.34 -22.63
N ALA A 487 21.91 16.86 -23.86
CA ALA A 487 20.78 16.32 -24.60
C ALA A 487 21.09 14.89 -25.02
N CYS A 488 20.04 14.19 -25.49
CA CYS A 488 20.21 12.84 -25.99
C CYS A 488 21.18 12.84 -27.18
N HIS A 489 21.90 11.73 -27.31
CA HIS A 489 22.78 11.54 -28.45
C HIS A 489 21.96 11.53 -29.75
N GLN A 490 22.63 11.90 -30.85
CA GLN A 490 21.94 11.98 -32.13
C GLN A 490 21.40 10.63 -32.57
N LEU A 491 22.05 9.53 -32.17
CA LEU A 491 21.66 8.20 -32.59
C LEU A 491 20.56 7.59 -31.75
N CYS A 492 20.10 8.28 -30.70
CA CYS A 492 18.98 7.78 -29.91
C CYS A 492 17.68 8.06 -30.65
N ALA A 493 16.95 7.00 -31.01
CA ALA A 493 15.69 7.16 -31.72
C ALA A 493 14.72 8.03 -30.94
N ARG A 494 14.13 9.03 -31.61
CA ARG A 494 13.09 9.90 -31.09
C ARG A 494 13.54 10.72 -29.89
N GLY A 495 14.85 10.92 -29.72
CA GLY A 495 15.32 11.73 -28.61
C GLY A 495 15.01 11.16 -27.25
N HIS A 496 14.87 9.84 -27.14
CA HIS A 496 14.66 9.17 -25.87
C HIS A 496 15.98 8.60 -25.38
N CYS A 497 16.34 8.91 -24.15
CA CYS A 497 17.59 8.41 -23.58
C CYS A 497 17.52 8.53 -22.07
N TRP A 498 18.43 7.82 -21.41
CA TRP A 498 18.52 7.77 -19.96
C TRP A 498 19.69 8.57 -19.41
N GLY A 499 20.45 9.24 -20.28
CA GLY A 499 21.68 9.90 -19.92
C GLY A 499 22.44 10.28 -21.18
N PRO A 500 23.64 10.82 -21.02
CA PRO A 500 24.37 11.34 -22.18
C PRO A 500 25.12 10.24 -22.93
N GLY A 501 25.34 10.51 -24.21
CA GLY A 501 26.14 9.64 -25.04
C GLY A 501 25.36 8.51 -25.67
N PRO A 502 26.01 7.75 -26.55
CA PRO A 502 25.32 6.74 -27.35
C PRO A 502 25.14 5.39 -26.65
N THR A 503 25.40 5.30 -25.35
CA THR A 503 25.14 4.10 -24.59
C THR A 503 23.90 4.22 -23.72
N GLN A 504 23.20 5.34 -23.79
CA GLN A 504 22.07 5.63 -22.91
C GLN A 504 20.75 5.72 -23.67
N CYS A 505 20.74 5.32 -24.94
CA CYS A 505 19.52 5.42 -25.74
C CYS A 505 18.50 4.37 -25.30
N VAL A 506 17.23 4.78 -25.27
CA VAL A 506 16.15 3.81 -25.11
C VAL A 506 16.16 2.83 -26.28
N ASN A 507 16.18 3.35 -27.51
CA ASN A 507 16.20 2.52 -28.70
C ASN A 507 17.19 3.10 -29.71
N CYS A 508 18.02 2.23 -30.26
CA CYS A 508 19.02 2.63 -31.24
C CYS A 508 18.36 3.05 -32.56
N SER A 509 18.89 4.11 -33.17
CA SER A 509 18.49 4.46 -34.53
C SER A 509 19.03 3.46 -35.53
N GLN A 510 20.19 2.86 -35.26
CA GLN A 510 20.86 2.02 -36.24
C GLN A 510 21.24 0.67 -35.65
N PHE A 511 22.44 0.57 -35.09
CA PHE A 511 22.99 -0.70 -34.68
C PHE A 511 23.69 -0.56 -33.34
N LEU A 512 23.88 -1.68 -32.68
CA LEU A 512 24.57 -1.77 -31.40
C LEU A 512 25.86 -2.54 -31.58
N ARG A 513 26.99 -1.92 -31.24
CA ARG A 513 28.20 -2.69 -31.03
C ARG A 513 28.40 -2.77 -29.53
N GLY A 514 27.86 -3.83 -28.94
CA GLY A 514 27.82 -3.97 -27.50
C GLY A 514 26.82 -3.02 -26.87
N GLN A 515 27.32 -2.05 -26.13
CA GLN A 515 26.48 -1.08 -25.44
C GLN A 515 26.42 0.26 -26.15
N GLU A 516 27.18 0.44 -27.23
CA GLU A 516 27.27 1.72 -27.92
C GLU A 516 26.43 1.69 -29.20
N CYS A 517 25.60 2.72 -29.38
CA CYS A 517 24.87 2.87 -30.62
C CYS A 517 25.76 3.51 -31.67
N VAL A 518 25.86 2.86 -32.84
CA VAL A 518 26.73 3.33 -33.91
C VAL A 518 25.92 3.39 -35.20
N GLU A 519 26.41 4.21 -36.14
CA GLU A 519 25.68 4.43 -37.38
C GLU A 519 25.67 3.21 -38.28
N GLU A 520 26.62 2.31 -38.14
CA GLU A 520 26.83 1.29 -39.16
C GLU A 520 27.85 0.28 -38.67
N CYS A 521 27.56 -1.00 -38.88
CA CYS A 521 28.52 -2.04 -38.58
C CYS A 521 29.53 -2.15 -39.72
N ARG A 522 30.67 -2.78 -39.42
CA ARG A 522 31.73 -2.95 -40.42
C ARG A 522 31.49 -4.20 -41.25
N VAL A 523 30.31 -4.24 -41.88
CA VAL A 523 29.93 -5.38 -42.71
C VAL A 523 30.67 -5.36 -44.04
N LEU A 524 30.69 -4.20 -44.69
CA LEU A 524 31.26 -4.06 -46.02
C LEU A 524 32.59 -3.32 -46.05
N GLN A 525 32.81 -2.41 -45.11
CA GLN A 525 34.02 -1.61 -45.06
C GLN A 525 34.44 -1.42 -43.61
N GLY A 526 35.70 -1.05 -43.42
CA GLY A 526 36.22 -0.86 -42.08
C GLY A 526 36.75 -2.16 -41.48
N LEU A 527 37.70 -1.99 -40.56
CA LEU A 527 38.36 -3.14 -39.94
C LEU A 527 38.38 -3.01 -38.42
N PRO A 528 38.13 -4.13 -37.71
CA PRO A 528 37.88 -5.45 -38.27
C PRO A 528 36.43 -5.62 -38.75
N ARG A 529 36.17 -6.63 -39.58
CA ARG A 529 34.82 -6.82 -40.09
C ARG A 529 33.92 -7.49 -39.07
N GLU A 530 32.62 -7.38 -39.33
CA GLU A 530 31.59 -7.82 -38.42
C GLU A 530 30.42 -8.36 -39.21
N TYR A 531 29.62 -9.19 -38.56
CA TYR A 531 28.33 -9.62 -39.07
C TYR A 531 27.24 -9.06 -38.16
N VAL A 532 26.10 -8.74 -38.76
CA VAL A 532 24.97 -8.20 -37.99
C VAL A 532 24.02 -9.33 -37.64
N ASN A 533 23.47 -9.25 -36.44
CA ASN A 533 22.56 -10.27 -35.91
C ASN A 533 21.65 -9.57 -34.92
N ALA A 534 20.39 -9.37 -35.31
CA ALA A 534 19.41 -8.63 -34.51
C ALA A 534 19.82 -7.17 -34.33
N ARG A 535 20.45 -6.58 -35.35
CA ARG A 535 20.93 -5.19 -35.34
C ARG A 535 22.05 -4.98 -34.31
N HIS A 536 22.91 -5.97 -34.11
CA HIS A 536 24.12 -5.81 -33.31
C HIS A 536 25.35 -6.15 -34.15
N CYS A 537 26.43 -5.42 -33.90
CA CYS A 537 27.68 -5.60 -34.65
C CYS A 537 28.53 -6.65 -33.94
N LEU A 538 28.31 -7.93 -34.29
CA LEU A 538 29.23 -8.89 -33.68
C LEU A 538 30.38 -9.21 -34.64
N PRO A 539 31.60 -9.34 -34.12
CA PRO A 539 32.76 -9.41 -35.01
C PRO A 539 32.92 -10.74 -35.74
N CYS A 540 34.13 -10.97 -36.23
CA CYS A 540 34.49 -12.12 -37.03
C CYS A 540 35.53 -12.97 -36.28
N HIS A 541 35.76 -14.16 -36.79
CA HIS A 541 36.95 -14.89 -36.40
C HIS A 541 38.15 -14.25 -37.10
N PRO A 542 39.18 -13.84 -36.35
CA PRO A 542 40.23 -13.00 -36.96
C PRO A 542 40.90 -13.58 -38.20
N GLU A 543 40.88 -14.91 -38.38
CA GLU A 543 41.49 -15.52 -39.55
C GLU A 543 40.56 -15.53 -40.77
N CYS A 544 39.58 -14.63 -40.82
CA CYS A 544 38.69 -14.46 -41.97
C CYS A 544 39.20 -13.28 -42.78
N GLN A 545 39.68 -13.55 -43.99
CA GLN A 545 40.23 -12.49 -44.82
C GLN A 545 39.13 -11.49 -45.17
N PRO A 546 39.38 -10.19 -45.02
CA PRO A 546 38.33 -9.19 -45.31
C PRO A 546 38.06 -9.12 -46.80
N GLN A 547 36.82 -9.43 -47.18
CA GLN A 547 36.42 -9.29 -48.58
C GLN A 547 36.42 -7.83 -48.99
N ASN A 548 37.15 -7.51 -50.06
CA ASN A 548 37.18 -6.14 -50.53
C ASN A 548 35.83 -5.71 -51.10
N GLY A 549 35.03 -6.65 -51.58
CA GLY A 549 33.77 -6.32 -52.22
C GLY A 549 32.54 -6.53 -51.36
N SER A 550 32.24 -7.79 -51.02
CA SER A 550 30.95 -8.13 -50.43
C SER A 550 31.00 -8.32 -48.92
N VAL A 551 30.16 -9.23 -48.41
CA VAL A 551 30.13 -9.60 -46.99
C VAL A 551 31.42 -10.32 -46.66
N THR A 552 31.60 -10.74 -45.40
CA THR A 552 32.76 -11.53 -45.04
C THR A 552 32.36 -12.66 -44.10
N CYS A 553 31.72 -12.33 -42.99
CA CYS A 553 31.29 -13.34 -42.03
C CYS A 553 29.78 -13.45 -42.02
N PHE A 554 29.32 -14.67 -41.73
CA PHE A 554 27.94 -14.93 -41.41
C PHE A 554 27.81 -15.42 -39.98
N GLY A 555 28.93 -15.50 -39.26
CA GLY A 555 28.98 -15.89 -37.87
C GLY A 555 30.33 -15.56 -37.27
N PRO A 556 30.52 -15.85 -35.97
CA PRO A 556 31.75 -15.45 -35.30
C PRO A 556 32.90 -16.45 -35.42
N GLU A 557 32.62 -17.68 -35.80
CA GLU A 557 33.62 -18.74 -35.83
C GLU A 557 34.15 -18.97 -37.24
N ALA A 558 35.22 -19.75 -37.33
CA ALA A 558 35.86 -20.05 -38.62
C ALA A 558 35.01 -20.97 -39.48
N ASP A 559 33.91 -21.50 -38.95
CA ASP A 559 32.96 -22.25 -39.76
C ASP A 559 32.27 -21.33 -40.77
N GLN A 560 31.73 -20.21 -40.30
CA GLN A 560 30.99 -19.26 -41.15
C GLN A 560 31.96 -18.18 -41.59
N CYS A 561 32.77 -18.51 -42.61
CA CYS A 561 33.93 -17.69 -42.93
C CYS A 561 34.31 -17.95 -44.39
N VAL A 562 34.61 -16.87 -45.12
CA VAL A 562 34.67 -16.91 -46.58
C VAL A 562 36.09 -17.15 -47.08
N ALA A 563 37.01 -16.25 -46.77
CA ALA A 563 38.39 -16.34 -47.27
C ALA A 563 39.35 -16.58 -46.12
N CYS A 564 40.33 -17.45 -46.34
CA CYS A 564 41.25 -17.88 -45.30
C CYS A 564 42.66 -17.32 -45.47
N PHE A 572 37.42 -24.91 -40.69
CA PHE A 572 38.18 -23.94 -39.92
C PHE A 572 39.14 -23.17 -40.82
N CYS A 573 38.90 -21.87 -40.94
CA CYS A 573 39.60 -21.00 -41.88
C CYS A 573 41.01 -20.65 -41.40
N VAL A 574 41.53 -21.43 -40.46
CA VAL A 574 42.84 -21.20 -39.86
C VAL A 574 43.94 -21.04 -40.91
N GLN B 1 -27.55 -1.04 36.28
CA GLN B 1 -26.95 -0.83 34.97
C GLN B 1 -25.65 -1.64 34.86
N VAL B 2 -24.85 -1.34 33.85
CA VAL B 2 -23.53 -1.95 33.70
C VAL B 2 -22.49 -0.89 34.05
N GLN B 3 -21.41 -1.33 34.69
CA GLN B 3 -20.34 -0.44 35.10
C GLN B 3 -19.00 -1.17 34.93
N LEU B 4 -17.97 -0.40 34.60
CA LEU B 4 -16.60 -0.89 34.59
C LEU B 4 -15.83 -0.09 35.63
N GLN B 5 -14.92 -0.76 36.36
CA GLN B 5 -14.12 -0.06 37.35
C GLN B 5 -12.72 -0.65 37.38
N GLU B 6 -11.72 0.21 37.23
CA GLU B 6 -10.32 -0.20 37.31
C GLU B 6 -9.80 -0.05 38.73
N SER B 7 -8.90 -0.95 39.11
CA SER B 7 -8.14 -0.84 40.33
C SER B 7 -6.74 -1.35 40.04
N GLY B 8 -5.85 -1.15 41.01
CA GLY B 8 -4.50 -1.68 40.94
C GLY B 8 -3.44 -0.69 40.52
N GLY B 9 -3.81 0.55 40.23
CA GLY B 9 -2.81 1.57 39.96
C GLY B 9 -1.93 1.82 41.16
N GLY B 10 -0.77 2.40 40.87
CA GLY B 10 0.19 2.68 41.93
C GLY B 10 1.41 3.33 41.35
N SER B 11 2.40 3.56 42.22
CA SER B 11 3.64 4.19 41.84
C SER B 11 4.79 3.22 42.07
N VAL B 12 5.59 2.99 41.04
CA VAL B 12 6.75 2.12 41.12
C VAL B 12 7.95 2.84 40.52
N GLN B 13 9.13 2.30 40.84
CA GLN B 13 10.36 2.66 40.17
C GLN B 13 10.41 2.05 38.76
N ALA B 14 11.26 2.64 37.92
CA ALA B 14 11.56 2.05 36.62
C ALA B 14 11.93 0.58 36.79
N GLY B 15 11.37 -0.26 35.93
CA GLY B 15 11.57 -1.70 36.02
C GLY B 15 10.57 -2.42 36.90
N GLY B 16 9.69 -1.69 37.58
CA GLY B 16 8.72 -2.30 38.46
C GLY B 16 7.59 -2.97 37.71
N SER B 17 6.64 -3.49 38.48
CA SER B 17 5.50 -4.19 37.92
C SER B 17 4.24 -3.83 38.68
N LEU B 18 3.12 -3.92 37.98
CA LEU B 18 1.78 -3.65 38.48
C LEU B 18 0.80 -4.50 37.70
N LYS B 19 -0.30 -4.89 38.35
CA LYS B 19 -1.40 -5.56 37.65
C LYS B 19 -2.67 -4.75 37.83
N LEU B 20 -3.22 -4.26 36.73
CA LEU B 20 -4.49 -3.55 36.76
C LEU B 20 -5.64 -4.55 36.63
N THR B 21 -6.73 -4.27 37.32
CA THR B 21 -7.92 -5.09 37.28
C THR B 21 -9.10 -4.25 36.85
N CYS B 22 -9.84 -4.73 35.87
CA CYS B 22 -11.07 -4.10 35.40
C CYS B 22 -12.22 -5.01 35.78
N ALA B 23 -13.03 -4.58 36.74
CA ALA B 23 -14.15 -5.37 37.24
C ALA B 23 -15.43 -4.89 36.56
N ALA B 24 -16.06 -5.78 35.82
CA ALA B 24 -17.34 -5.49 35.18
C ALA B 24 -18.48 -5.96 36.07
N SER B 25 -19.56 -5.17 36.09
CA SER B 25 -20.78 -5.54 36.79
C SER B 25 -21.97 -5.26 35.89
N GLY B 26 -23.03 -6.06 36.06
CA GLY B 26 -24.17 -6.01 35.18
C GLY B 26 -24.03 -6.98 34.02
N TYR B 27 -25.03 -6.95 33.16
CA TYR B 27 -25.03 -7.85 32.00
C TYR B 27 -24.19 -7.22 30.89
N ILE B 28 -22.93 -7.65 30.80
CA ILE B 28 -22.02 -7.14 29.79
C ILE B 28 -21.00 -8.23 29.49
N PHE B 29 -20.63 -8.35 28.23
CA PHE B 29 -19.67 -9.35 27.80
C PHE B 29 -18.80 -8.76 26.70
N ASN B 30 -17.63 -9.36 26.50
CA ASN B 30 -16.75 -8.97 25.40
C ASN B 30 -17.27 -9.60 24.12
N SER B 31 -18.17 -8.88 23.45
CA SER B 31 -18.68 -9.34 22.17
C SER B 31 -17.97 -8.71 20.97
N CYS B 32 -17.44 -7.50 21.11
CA CYS B 32 -16.77 -6.83 20.00
C CYS B 32 -15.46 -6.19 20.44
N GLY B 33 -14.75 -6.82 21.36
CA GLY B 33 -13.43 -6.35 21.74
C GLY B 33 -13.43 -5.68 23.11
N MET B 34 -12.35 -5.88 23.86
CA MET B 34 -12.15 -5.15 25.10
C MET B 34 -10.66 -4.93 25.29
N GLY B 35 -10.30 -3.89 26.04
CA GLY B 35 -8.90 -3.65 26.28
C GLY B 35 -8.64 -2.46 27.16
N TRP B 36 -7.40 -1.99 27.08
CA TRP B 36 -6.90 -0.95 27.96
C TRP B 36 -6.42 0.24 27.13
N TYR B 37 -6.91 1.41 27.49
CA TYR B 37 -6.44 2.68 26.95
C TYR B 37 -5.63 3.37 28.02
N ARG B 38 -4.71 4.23 27.60
CA ARG B 38 -3.98 5.04 28.57
C ARG B 38 -3.90 6.46 28.04
N GLN B 39 -3.78 7.40 28.98
CA GLN B 39 -3.75 8.80 28.65
C GLN B 39 -2.82 9.51 29.61
N SER B 40 -1.77 10.09 29.07
CA SER B 40 -0.81 10.95 29.75
C SER B 40 -1.36 12.36 29.82
N PRO B 41 -0.86 13.20 30.73
CA PRO B 41 -1.33 14.59 30.74
C PRO B 41 -0.90 15.30 29.46
N GLY B 42 -1.80 16.12 28.94
CA GLY B 42 -1.55 16.78 27.66
C GLY B 42 -1.30 15.79 26.53
N ARG B 43 -1.99 14.66 26.54
CA ARG B 43 -1.81 13.66 25.51
C ARG B 43 -3.11 12.90 25.31
N GLU B 44 -3.20 12.24 24.16
CA GLU B 44 -4.42 11.54 23.78
C GLU B 44 -4.61 10.28 24.61
N ARG B 45 -5.87 9.89 24.76
CA ARG B 45 -6.20 8.53 25.18
C ARG B 45 -5.98 7.59 24.00
N GLU B 46 -5.17 6.55 24.21
CA GLU B 46 -4.75 5.68 23.12
C GLU B 46 -4.81 4.22 23.57
N LEU B 47 -5.15 3.35 22.63
CA LEU B 47 -5.28 1.93 22.93
C LEU B 47 -3.90 1.29 23.14
N VAL B 48 -3.78 0.48 24.18
CA VAL B 48 -2.52 -0.12 24.56
C VAL B 48 -2.54 -1.63 24.35
N SER B 49 -3.63 -2.28 24.75
CA SER B 49 -3.75 -3.73 24.70
C SER B 49 -5.21 -4.05 24.51
N ARG B 50 -5.48 -5.15 23.83
CA ARG B 50 -6.83 -5.41 23.36
C ARG B 50 -7.01 -6.91 23.13
N ILE B 51 -8.19 -7.41 23.47
CA ILE B 51 -8.66 -8.73 23.07
C ILE B 51 -9.95 -8.53 22.29
N SER B 52 -9.99 -9.06 21.06
CA SER B 52 -11.19 -8.90 20.27
C SER B 52 -12.28 -9.87 20.75
N GLY B 53 -13.48 -9.69 20.20
CA GLY B 53 -14.59 -10.56 20.57
C GLY B 53 -14.36 -12.03 20.27
N ASP B 54 -13.45 -12.34 19.34
CA ASP B 54 -13.13 -13.72 19.03
C ASP B 54 -11.74 -14.13 19.55
N GLY B 55 -11.19 -13.36 20.48
CA GLY B 55 -10.04 -13.79 21.25
C GLY B 55 -8.68 -13.41 20.72
N ASP B 56 -8.61 -12.57 19.68
CA ASP B 56 -7.32 -12.18 19.12
C ASP B 56 -6.71 -11.06 19.95
N THR B 57 -5.47 -11.26 20.41
CA THR B 57 -4.77 -10.34 21.29
C THR B 57 -3.86 -9.43 20.48
N TRP B 58 -3.82 -8.16 20.87
CA TRP B 58 -2.97 -7.17 20.23
C TRP B 58 -2.37 -6.26 21.30
N HIS B 59 -1.12 -5.86 21.10
CA HIS B 59 -0.44 -4.94 22.00
C HIS B 59 0.22 -3.85 21.18
N LYS B 60 0.09 -2.61 21.63
CA LYS B 60 0.89 -1.51 21.09
C LYS B 60 2.37 -1.88 21.12
N GLU B 61 3.10 -1.46 20.09
CA GLU B 61 4.45 -1.98 19.91
C GLU B 61 5.35 -1.59 21.08
N SER B 62 5.13 -0.41 21.66
CA SER B 62 5.99 0.07 22.75
C SER B 62 5.80 -0.73 24.03
N VAL B 63 4.69 -1.45 24.18
CA VAL B 63 4.47 -2.27 25.36
C VAL B 63 4.57 -3.76 25.05
N LYS B 64 4.74 -4.13 23.78
CA LYS B 64 4.88 -5.52 23.39
C LYS B 64 6.03 -6.18 24.13
N GLY B 65 5.79 -7.38 24.66
CA GLY B 65 6.78 -8.08 25.46
C GLY B 65 6.81 -7.68 26.91
N ARG B 66 6.16 -6.60 27.29
CA ARG B 66 6.14 -6.15 28.68
C ARG B 66 4.76 -6.13 29.29
N PHE B 67 3.71 -5.92 28.49
CA PHE B 67 2.34 -5.94 28.99
C PHE B 67 1.67 -7.25 28.60
N THR B 68 0.86 -7.78 29.50
CA THR B 68 0.11 -9.01 29.27
C THR B 68 -1.34 -8.76 29.62
N ILE B 69 -2.22 -8.94 28.65
CA ILE B 69 -3.66 -8.79 28.85
C ILE B 69 -4.27 -10.17 29.04
N SER B 70 -5.20 -10.29 29.98
CA SER B 70 -5.88 -11.55 30.24
C SER B 70 -7.27 -11.24 30.79
N GLN B 71 -8.04 -12.30 31.03
CA GLN B 71 -9.42 -12.15 31.48
C GLN B 71 -9.81 -13.34 32.33
N ASP B 72 -10.82 -13.14 33.17
CA ASP B 72 -11.43 -14.18 34.00
C ASP B 72 -12.93 -14.08 33.79
N ASN B 73 -13.49 -15.00 32.99
CA ASN B 73 -14.91 -14.96 32.66
C ASN B 73 -15.78 -15.23 33.88
N VAL B 74 -15.32 -16.05 34.81
CA VAL B 74 -16.10 -16.32 36.03
C VAL B 74 -16.25 -15.04 36.84
N LYS B 75 -15.14 -14.36 37.11
CA LYS B 75 -15.17 -13.12 37.88
C LYS B 75 -15.61 -11.92 37.07
N LYS B 76 -15.72 -12.04 35.74
CA LYS B 76 -16.05 -10.93 34.85
C LYS B 76 -14.99 -9.82 34.96
N THR B 77 -13.72 -10.22 34.93
CA THR B 77 -12.61 -9.29 35.07
C THR B 77 -11.73 -9.30 33.83
N LEU B 78 -11.21 -8.11 33.51
CA LEU B 78 -10.16 -7.93 32.51
C LEU B 78 -8.91 -7.44 33.22
N TYR B 79 -7.76 -8.00 32.85
CA TYR B 79 -6.50 -7.69 33.52
C TYR B 79 -5.49 -7.12 32.53
N LEU B 80 -4.59 -6.30 33.08
CA LEU B 80 -3.38 -5.86 32.37
C LEU B 80 -2.19 -6.04 33.31
N GLN B 81 -1.44 -7.11 33.11
CA GLN B 81 -0.18 -7.30 33.81
C GLN B 81 0.89 -6.47 33.13
N MET B 82 1.54 -5.60 33.89
CA MET B 82 2.57 -4.72 33.36
C MET B 82 3.89 -5.01 34.05
N ASN B 83 4.86 -5.49 33.29
CA ASN B 83 6.19 -5.79 33.81
C ASN B 83 7.20 -4.85 33.16
N SER B 84 8.38 -4.77 33.77
CA SER B 84 9.48 -3.95 33.27
C SER B 84 9.03 -2.53 32.91
N LEU B 85 8.25 -1.94 33.82
CA LEU B 85 7.63 -0.65 33.55
C LEU B 85 8.66 0.44 33.31
N LYS B 86 8.33 1.36 32.41
CA LYS B 86 9.15 2.48 31.99
C LYS B 86 8.47 3.80 32.33
N PRO B 87 9.24 4.87 32.56
CA PRO B 87 8.61 6.18 32.82
C PRO B 87 7.59 6.59 31.79
N GLU B 88 7.80 6.22 30.52
CA GLU B 88 6.86 6.52 29.45
C GLU B 88 5.52 5.80 29.61
N ASP B 89 5.44 4.81 30.50
CA ASP B 89 4.16 4.17 30.79
C ASP B 89 3.33 4.94 31.80
N THR B 90 3.84 6.06 32.32
CA THR B 90 3.09 6.88 33.27
C THR B 90 1.86 7.46 32.59
N ALA B 91 0.68 7.12 33.11
CA ALA B 91 -0.58 7.59 32.53
C ALA B 91 -1.73 7.13 33.41
N VAL B 92 -2.91 7.69 33.13
CA VAL B 92 -4.16 7.11 33.61
C VAL B 92 -4.57 6.00 32.65
N TYR B 93 -4.84 4.82 33.21
CA TYR B 93 -5.24 3.66 32.41
C TYR B 93 -6.73 3.42 32.56
N PHE B 94 -7.40 3.26 31.42
CA PHE B 94 -8.84 3.03 31.33
C PHE B 94 -9.09 1.66 30.71
N CYS B 95 -10.01 0.90 31.28
CA CYS B 95 -10.49 -0.26 30.56
C CYS B 95 -11.72 0.12 29.74
N ALA B 96 -11.91 -0.60 28.64
CA ALA B 96 -13.02 -0.39 27.74
C ALA B 96 -13.50 -1.75 27.25
N VAL B 97 -14.81 -1.93 27.21
CA VAL B 97 -15.42 -3.17 26.73
C VAL B 97 -16.44 -2.79 25.67
N CYS B 98 -16.38 -3.45 24.51
CA CYS B 98 -17.35 -3.25 23.45
C CYS B 98 -18.35 -4.39 23.54
N TYR B 99 -19.63 -4.04 23.73
CA TYR B 99 -20.69 -5.03 23.91
C TYR B 99 -21.92 -4.58 23.15
N ASN B 100 -22.42 -5.46 22.27
CA ASN B 100 -23.49 -5.10 21.33
C ASN B 100 -23.13 -3.83 20.57
N LEU B 101 -21.87 -3.74 20.16
CA LEU B 101 -21.33 -2.70 19.30
C LEU B 101 -21.32 -1.33 19.96
N GLU B 102 -21.43 -1.27 21.29
CA GLU B 102 -21.28 -0.02 22.03
C GLU B 102 -20.08 -0.15 22.96
N THR B 103 -19.34 0.94 23.10
CA THR B 103 -18.13 0.93 23.91
C THR B 103 -18.44 1.52 25.28
N TYR B 104 -18.12 0.75 26.32
CA TYR B 104 -18.29 1.13 27.71
C TYR B 104 -16.92 1.41 28.33
N TRP B 105 -16.88 2.35 29.27
CA TRP B 105 -15.63 2.87 29.80
C TRP B 105 -15.64 2.83 31.33
N GLY B 106 -14.46 2.59 31.91
CA GLY B 106 -14.25 2.80 33.32
C GLY B 106 -13.82 4.23 33.63
N GLN B 107 -13.53 4.47 34.91
CA GLN B 107 -13.13 5.79 35.38
C GLN B 107 -11.64 6.08 35.20
N GLY B 108 -10.82 5.04 35.05
CA GLY B 108 -9.38 5.23 34.93
C GLY B 108 -8.67 5.10 36.26
N THR B 109 -7.45 4.56 36.20
CA THR B 109 -6.61 4.39 37.38
C THR B 109 -5.19 4.85 37.06
N GLN B 110 -4.58 5.56 38.02
CA GLN B 110 -3.28 6.19 37.79
C GLN B 110 -2.14 5.19 37.92
N VAL B 111 -1.24 5.19 36.94
CA VAL B 111 0.01 4.44 37.02
C VAL B 111 1.15 5.44 36.86
N THR B 112 2.10 5.39 37.80
CA THR B 112 3.23 6.32 37.80
C THR B 112 4.52 5.52 37.90
N VAL B 113 5.41 5.74 36.95
CA VAL B 113 6.73 5.12 36.93
C VAL B 113 7.75 6.24 37.02
N SER B 114 8.58 6.21 38.07
CA SER B 114 9.51 7.29 38.37
C SER B 114 10.89 6.97 37.84
N SER B 115 11.44 7.87 37.02
CA SER B 115 12.86 7.90 36.68
C SER B 115 13.20 9.17 35.91
#